data_4KGN
#
_entry.id   4KGN
#
_cell.length_a   52.600
_cell.length_b   149.710
_cell.length_c   80.300
_cell.angle_alpha   90.00
_cell.angle_beta   90.49
_cell.angle_gamma   90.00
#
_symmetry.space_group_name_H-M   'P 1 21 1'
#
loop_
_entity.id
_entity.type
_entity.pdbx_description
1 polymer "tRNA (cytidine(34)-2'-O)-methyltransferase"
2 non-polymer S-ADENOSYL-L-HOMOCYSTEINE
3 non-polymer 'CHLORIDE ION'
4 water water
#
_entity_poly.entity_id   1
_entity_poly.type   'polypeptide(L)'
_entity_poly.pdbx_seq_one_letter_code
;GPGSMFNVVLVEPEIPPNTGNVIRLCANTGARLHLIEPLGFPLDDAKMRRAGLDYHEYAQMRVHRDWDAFVAAEAPDPAR
MFAFTTRGSGRFHDRAFEPGDWFVFGAETRGLAPALVDRFAPEQRVRLPMRPGNRSLNLSNTVAVVVFEAWRQAGFEGGA
;
_entity_poly.pdbx_strand_id   A,B,C,D,E,F,G,H
#
loop_
_chem_comp.id
_chem_comp.type
_chem_comp.name
_chem_comp.formula
CL non-polymer 'CHLORIDE ION' 'Cl -1'
#
# COMPACT_ATOMS: atom_id res chain seq x y z
N MET A 5 12.15 -0.04 -16.91
CA MET A 5 10.67 -0.32 -16.91
C MET A 5 10.00 0.91 -16.31
N PHE A 6 10.37 1.19 -15.06
CA PHE A 6 9.87 2.36 -14.34
C PHE A 6 11.03 2.91 -13.57
N ASN A 7 10.94 4.15 -13.13
CA ASN A 7 11.93 4.76 -12.28
C ASN A 7 11.33 5.06 -10.90
N VAL A 8 11.94 4.51 -9.87
CA VAL A 8 11.61 4.86 -8.48
C VAL A 8 12.67 5.85 -7.99
N VAL A 9 12.20 6.95 -7.41
CA VAL A 9 13.06 8.02 -6.92
C VAL A 9 12.77 8.19 -5.45
N LEU A 10 13.75 7.90 -4.58
CA LEU A 10 13.56 8.10 -3.12
C LEU A 10 14.30 9.36 -2.75
N VAL A 11 13.54 10.36 -2.26
CA VAL A 11 14.13 11.62 -1.84
C VAL A 11 14.52 11.60 -0.38
N GLU A 12 15.84 11.69 -0.12
CA GLU A 12 16.37 11.72 1.25
C GLU A 12 15.79 10.63 2.19
N PRO A 13 15.78 9.35 1.76
CA PRO A 13 15.30 8.28 2.64
C PRO A 13 16.11 8.21 3.93
N GLU A 14 15.45 7.81 5.02
CA GLU A 14 16.01 7.91 6.37
C GLU A 14 16.34 6.58 7.03
N ILE A 15 15.49 5.58 6.80
CA ILE A 15 15.52 4.30 7.54
C ILE A 15 16.11 3.22 6.62
N PRO A 16 17.30 2.69 6.93
CA PRO A 16 17.85 1.63 6.04
C PRO A 16 16.90 0.48 5.58
N PRO A 17 16.08 -0.11 6.46
CA PRO A 17 15.21 -1.22 6.00
C PRO A 17 14.21 -0.89 4.88
N ASN A 18 13.78 0.35 4.79
CA ASN A 18 12.84 0.72 3.73
C ASN A 18 13.52 0.73 2.39
N THR A 19 14.76 1.22 2.37
CA THR A 19 15.48 1.29 1.14
C THR A 19 15.90 -0.12 0.73
N GLY A 20 16.33 -0.95 1.69
CA GLY A 20 16.57 -2.36 1.40
C GLY A 20 15.36 -3.05 0.78
N ASN A 21 14.19 -2.80 1.31
CA ASN A 21 12.96 -3.33 0.74
C ASN A 21 12.71 -2.88 -0.70
N VAL A 22 12.99 -1.60 -0.95
CA VAL A 22 12.80 -1.03 -2.26
C VAL A 22 13.80 -1.51 -3.29
N ILE A 23 15.04 -1.71 -2.89
CA ILE A 23 16.05 -2.33 -3.77
C ILE A 23 15.56 -3.71 -4.22
N ARG A 24 14.98 -4.47 -3.28
CA ARG A 24 14.45 -5.81 -3.56
C ARG A 24 13.23 -5.74 -4.53
N LEU A 25 12.41 -4.74 -4.35
CA LEU A 25 11.21 -4.56 -5.17
C LEU A 25 11.63 -4.20 -6.61
N CYS A 26 12.63 -3.33 -6.72
CA CYS A 26 13.17 -2.91 -8.02
C CYS A 26 13.77 -4.07 -8.80
N ALA A 27 14.60 -4.85 -8.13
CA ALA A 27 15.14 -6.10 -8.70
C ALA A 27 14.07 -7.07 -9.21
N ASN A 28 12.99 -7.23 -8.45
CA ASN A 28 11.93 -8.13 -8.83
C ASN A 28 11.06 -7.62 -9.98
N THR A 29 10.98 -6.29 -10.12
CA THR A 29 10.10 -5.70 -11.09
C THR A 29 10.77 -5.09 -12.31
N GLY A 30 12.08 -4.86 -12.23
CA GLY A 30 12.82 -4.23 -13.30
C GLY A 30 12.81 -2.72 -13.19
N ALA A 31 12.31 -2.17 -12.09
CA ALA A 31 12.35 -0.73 -11.89
C ALA A 31 13.77 -0.27 -11.62
N ARG A 32 14.11 0.91 -12.12
CA ARG A 32 15.40 1.53 -11.83
C ARG A 32 15.25 2.41 -10.58
N LEU A 33 16.20 2.29 -9.64
CA LEU A 33 16.12 3.01 -8.37
C LEU A 33 17.05 4.23 -8.33
N HIS A 34 16.47 5.37 -8.00
CA HIS A 34 17.23 6.61 -7.86
C HIS A 34 17.13 7.07 -6.43
N LEU A 35 18.29 7.25 -5.78
CA LEU A 35 18.34 7.80 -4.42
C LEU A 35 18.89 9.21 -4.45
N ILE A 36 18.17 10.12 -3.80
CA ILE A 36 18.52 11.54 -3.76
C ILE A 36 19.09 11.85 -2.38
N GLU A 37 20.37 12.21 -2.37
CA GLU A 37 21.08 12.50 -1.12
C GLU A 37 20.62 13.84 -0.62
N PRO A 38 20.78 14.11 0.70
CA PRO A 38 21.42 13.27 1.71
C PRO A 38 20.53 12.18 2.28
N LEU A 39 21.12 11.00 2.42
CA LEU A 39 20.47 9.85 2.99
C LEU A 39 20.70 9.82 4.49
N GLY A 40 19.81 9.13 5.22
CA GLY A 40 19.91 9.01 6.68
C GLY A 40 20.88 7.94 7.15
N PHE A 41 21.49 7.22 6.22
CA PHE A 41 22.36 6.09 6.46
C PHE A 41 23.43 6.08 5.37
N PRO A 42 24.51 5.28 5.54
CA PRO A 42 25.65 5.36 4.63
C PRO A 42 25.47 4.58 3.31
N GLN A 60 19.38 -1.96 -11.25
CA GLN A 60 20.15 -0.76 -11.53
C GLN A 60 19.78 0.33 -10.53
N MET A 61 20.81 0.94 -9.95
CA MET A 61 20.64 1.88 -8.87
C MET A 61 21.57 3.04 -9.11
N ARG A 62 21.07 4.25 -8.90
CA ARG A 62 21.89 5.44 -9.07
C ARG A 62 21.68 6.39 -7.90
N VAL A 63 22.77 6.96 -7.41
CA VAL A 63 22.74 7.87 -6.28
C VAL A 63 23.14 9.27 -6.77
N HIS A 64 22.36 10.27 -6.42
CA HIS A 64 22.50 11.62 -6.91
C HIS A 64 22.74 12.53 -5.73
N ARG A 65 23.66 13.49 -5.92
CA ARG A 65 24.11 14.42 -4.89
C ARG A 65 22.97 15.19 -4.32
N ASP A 66 22.04 15.58 -5.21
CA ASP A 66 20.88 16.34 -4.81
C ASP A 66 19.86 16.29 -5.95
N TRP A 67 18.71 16.92 -5.72
CA TRP A 67 17.60 16.91 -6.66
C TRP A 67 17.98 17.53 -7.97
N ASP A 68 18.61 18.68 -7.91
CA ASP A 68 19.05 19.39 -9.11
C ASP A 68 19.98 18.53 -9.96
N ALA A 69 20.89 17.80 -9.34
CA ALA A 69 21.79 16.90 -10.08
C ALA A 69 21.05 15.74 -10.70
N PHE A 70 20.00 15.27 -10.02
CA PHE A 70 19.14 14.24 -10.51
C PHE A 70 18.45 14.66 -11.82
N VAL A 71 17.85 15.85 -11.83
CA VAL A 71 17.19 16.38 -13.00
C VAL A 71 18.19 16.59 -14.20
N ALA A 72 19.35 17.20 -13.92
CA ALA A 72 20.37 17.39 -14.97
C ALA A 72 20.84 16.06 -15.53
N ALA A 73 20.98 15.04 -14.70
CA ALA A 73 21.52 13.77 -15.20
C ALA A 73 20.49 13.03 -16.01
N GLU A 74 19.25 13.01 -15.54
CA GLU A 74 18.21 12.16 -16.08
C GLU A 74 17.20 12.87 -16.98
N ALA A 75 17.04 14.19 -16.82
CA ALA A 75 16.19 14.93 -17.74
C ALA A 75 14.84 14.25 -17.85
N PRO A 76 14.14 14.06 -16.69
CA PRO A 76 12.86 13.40 -16.72
C PRO A 76 11.82 14.24 -17.43
N ASP A 77 10.96 13.62 -18.20
CA ASP A 77 9.84 14.31 -18.81
C ASP A 77 8.82 14.66 -17.71
N PRO A 78 8.58 15.97 -17.43
CA PRO A 78 7.74 16.29 -16.28
C PRO A 78 6.31 15.80 -16.38
N ALA A 79 5.83 15.61 -17.61
CA ALA A 79 4.49 15.07 -17.81
C ALA A 79 4.38 13.64 -17.26
N ARG A 80 5.51 12.92 -17.21
CA ARG A 80 5.51 11.54 -16.75
C ARG A 80 6.12 11.39 -15.36
N MET A 81 6.08 12.46 -14.58
CA MET A 81 6.68 12.47 -13.23
C MET A 81 5.56 12.60 -12.20
N PHE A 82 5.56 11.71 -11.23
CA PHE A 82 4.49 11.67 -10.22
C PHE A 82 5.10 11.78 -8.84
N ALA A 83 4.56 12.70 -8.05
CA ALA A 83 4.99 12.87 -6.67
C ALA A 83 3.98 12.21 -5.74
N PHE A 84 4.37 11.15 -5.04
CA PHE A 84 3.41 10.48 -4.14
C PHE A 84 3.42 11.15 -2.82
N THR A 85 2.24 11.59 -2.41
CA THR A 85 2.14 12.33 -1.17
C THR A 85 0.70 12.20 -0.67
N THR A 86 0.57 12.13 0.64
CA THR A 86 -0.75 12.11 1.28
C THR A 86 -1.51 13.39 1.08
N ARG A 87 -0.80 14.44 0.73
CA ARG A 87 -1.42 15.74 0.46
C ARG A 87 -1.89 15.91 -0.98
N GLY A 88 -1.78 14.87 -1.79
CA GLY A 88 -2.08 14.97 -3.20
C GLY A 88 -3.57 14.90 -3.51
N SER A 89 -3.95 15.63 -4.57
CA SER A 89 -5.32 15.65 -5.09
C SER A 89 -5.46 14.82 -6.33
N GLY A 90 -4.34 14.49 -6.95
CA GLY A 90 -4.29 13.44 -7.98
C GLY A 90 -4.76 12.12 -7.41
N ARG A 91 -5.66 11.45 -8.12
CA ARG A 91 -6.25 10.20 -7.63
C ARG A 91 -5.43 9.00 -8.16
N PHE A 92 -5.13 8.04 -7.30
CA PHE A 92 -4.39 6.85 -7.70
C PHE A 92 -5.24 6.00 -8.61
N HIS A 93 -6.50 5.88 -8.27
CA HIS A 93 -7.39 5.00 -8.98
C HIS A 93 -7.53 5.33 -10.48
N ASP A 94 -7.59 6.61 -10.79
CA ASP A 94 -7.65 7.08 -12.19
C ASP A 94 -6.48 6.56 -13.06
N ARG A 95 -5.29 6.62 -12.47
CA ARG A 95 -4.07 6.95 -13.18
C ARG A 95 -3.52 5.95 -14.17
N ALA A 96 -3.29 6.39 -15.40
CA ALA A 96 -2.55 5.61 -16.38
C ALA A 96 -1.06 5.82 -16.18
N PHE A 97 -0.33 4.76 -15.83
CA PHE A 97 1.12 4.79 -15.83
C PHE A 97 1.68 4.11 -17.06
N GLU A 98 2.84 4.58 -17.52
CA GLU A 98 3.54 4.07 -18.70
C GLU A 98 5.00 3.70 -18.36
N PRO A 99 5.59 2.72 -19.10
CA PRO A 99 7.04 2.46 -19.00
C PRO A 99 7.86 3.74 -19.13
N GLY A 100 8.81 3.93 -18.22
CA GLY A 100 9.65 5.13 -18.22
C GLY A 100 9.18 6.21 -17.25
N ASP A 101 7.99 6.09 -16.64
CA ASP A 101 7.52 7.11 -15.72
C ASP A 101 8.45 7.18 -14.54
N TRP A 102 8.36 8.32 -13.85
CA TRP A 102 9.16 8.63 -12.68
C TRP A 102 8.22 8.73 -11.49
N PHE A 103 8.42 7.85 -10.51
CA PHE A 103 7.55 7.78 -9.31
C PHE A 103 8.40 8.28 -8.13
N VAL A 104 8.10 9.49 -7.62
CA VAL A 104 8.92 10.18 -6.63
C VAL A 104 8.27 10.02 -5.25
N PHE A 105 9.06 9.67 -4.24
CA PHE A 105 8.58 9.40 -2.89
C PHE A 105 9.45 10.15 -1.89
N GLY A 106 8.84 10.53 -0.78
CA GLY A 106 9.46 11.36 0.24
C GLY A 106 9.97 10.56 1.42
N ALA A 107 10.65 11.26 2.34
CA ALA A 107 11.30 10.61 3.46
C ALA A 107 10.27 10.24 4.51
N GLU A 108 10.64 9.28 5.33
CA GLU A 108 9.76 8.68 6.34
C GLU A 108 9.14 9.61 7.37
N THR A 109 9.87 10.62 7.82
CA THR A 109 9.41 11.50 8.88
C THR A 109 8.52 12.62 8.40
N ARG A 110 8.99 13.40 7.42
CA ARG A 110 8.28 14.60 6.97
C ARG A 110 7.63 14.46 5.60
N GLY A 111 7.98 13.42 4.84
CA GLY A 111 7.47 13.29 3.48
C GLY A 111 8.26 14.22 2.54
N LEU A 112 7.75 14.43 1.35
CA LEU A 112 8.37 15.33 0.39
C LEU A 112 8.29 16.81 0.81
N ALA A 113 9.40 17.54 0.65
CA ALA A 113 9.43 18.94 0.99
C ALA A 113 8.38 19.69 0.18
N PRO A 114 7.61 20.60 0.85
CA PRO A 114 6.54 21.31 0.17
C PRO A 114 6.99 21.99 -1.11
N ALA A 115 8.21 22.54 -1.10
CA ALA A 115 8.73 23.31 -2.25
C ALA A 115 9.06 22.42 -3.43
N LEU A 116 9.30 21.13 -3.17
CA LEU A 116 9.50 20.19 -4.25
C LEU A 116 8.14 19.77 -4.82
N VAL A 117 7.18 19.43 -3.95
CA VAL A 117 5.80 19.13 -4.37
C VAL A 117 5.18 20.26 -5.21
N ASP A 118 5.46 21.50 -4.85
CA ASP A 118 5.06 22.67 -5.67
C ASP A 118 5.47 22.65 -7.15
N ARG A 119 6.57 21.97 -7.49
CA ARG A 119 7.04 21.95 -8.88
C ARG A 119 6.24 20.99 -9.74
N PHE A 120 5.55 20.05 -9.11
CA PHE A 120 4.72 19.11 -9.82
C PHE A 120 3.35 19.76 -10.00
N ALA A 121 2.75 19.66 -11.17
CA ALA A 121 1.37 20.12 -11.33
C ALA A 121 0.43 19.36 -10.37
N PRO A 122 -0.63 20.04 -9.90
CA PRO A 122 -1.49 19.41 -8.87
C PRO A 122 -1.97 17.99 -9.20
N GLU A 123 -2.29 17.73 -10.47
CA GLU A 123 -2.80 16.41 -10.90
C GLU A 123 -1.68 15.38 -10.90
N GLN A 124 -0.45 15.85 -10.92
CA GLN A 124 0.71 14.97 -10.77
C GLN A 124 1.09 14.68 -9.31
N ARG A 125 0.38 15.23 -8.33
CA ARG A 125 0.61 14.91 -6.92
C ARG A 125 -0.40 13.90 -6.49
N VAL A 126 0.03 12.65 -6.31
CA VAL A 126 -0.88 11.52 -6.27
C VAL A 126 -0.99 10.92 -4.85
N ARG A 127 -2.19 10.74 -4.38
CA ARG A 127 -2.44 10.14 -3.04
C ARG A 127 -3.00 8.72 -3.19
N LEU A 128 -2.42 7.76 -2.48
CA LEU A 128 -3.00 6.42 -2.44
C LEU A 128 -4.11 6.43 -1.41
N PRO A 129 -5.27 5.85 -1.75
CA PRO A 129 -6.36 5.90 -0.79
C PRO A 129 -6.04 5.14 0.49
N MET A 130 -6.59 5.63 1.60
CA MET A 130 -6.47 4.97 2.90
C MET A 130 -7.79 5.19 3.62
N ARG A 131 -8.03 4.40 4.67
CA ARG A 131 -9.20 4.64 5.57
C ARG A 131 -9.07 6.04 6.22
N PRO A 132 -10.18 6.68 6.62
CA PRO A 132 -10.18 8.07 7.12
C PRO A 132 -9.27 8.33 8.34
N GLY A 133 -8.67 9.51 8.41
CA GLY A 133 -7.85 9.88 9.56
C GLY A 133 -6.46 10.32 9.16
N ASN A 134 -5.71 10.78 10.16
CA ASN A 134 -4.33 11.20 9.93
C ASN A 134 -3.43 9.96 9.88
N ARG A 135 -2.98 9.61 8.69
CA ARG A 135 -2.29 8.36 8.45
C ARG A 135 -1.33 8.54 7.29
N SER A 136 -0.41 7.60 7.18
CA SER A 136 0.40 7.44 5.99
C SER A 136 0.78 5.98 5.92
N LEU A 137 1.07 5.54 4.71
CA LEU A 137 1.55 4.21 4.47
C LEU A 137 3.06 4.22 4.74
N ASN A 138 3.61 3.05 5.09
CA ASN A 138 5.04 2.82 5.09
C ASN A 138 5.61 3.20 3.73
N LEU A 139 6.81 3.76 3.75
CA LEU A 139 7.45 4.14 2.49
C LEU A 139 7.57 2.99 1.49
N SER A 140 8.14 1.89 1.94
CA SER A 140 8.43 0.77 1.01
C SER A 140 7.14 0.12 0.50
N ASN A 141 6.12 0.06 1.35
CA ASN A 141 4.82 -0.43 0.93
C ASN A 141 4.21 0.41 -0.18
N THR A 142 4.31 1.73 -0.04
CA THR A 142 3.73 2.66 -1.00
C THR A 142 4.39 2.43 -2.35
N VAL A 143 5.70 2.33 -2.33
CA VAL A 143 6.50 2.09 -3.56
C VAL A 143 6.11 0.76 -4.25
N ALA A 144 5.92 -0.30 -3.44
CA ALA A 144 5.60 -1.63 -4.02
C ALA A 144 4.19 -1.62 -4.69
N VAL A 145 3.27 -0.91 -4.07
CA VAL A 145 1.87 -0.83 -4.61
C VAL A 145 1.86 -0.08 -5.92
N VAL A 146 2.59 1.03 -5.96
CA VAL A 146 2.65 1.87 -7.14
C VAL A 146 3.32 1.14 -8.27
N VAL A 147 4.46 0.51 -7.96
CA VAL A 147 5.18 -0.23 -9.01
C VAL A 147 4.40 -1.43 -9.53
N PHE A 148 3.77 -2.20 -8.64
CA PHE A 148 3.00 -3.33 -9.09
C PHE A 148 1.76 -2.89 -9.88
N GLU A 149 1.13 -1.80 -9.53
CA GLU A 149 -0.01 -1.29 -10.31
C GLU A 149 0.42 -0.81 -11.70
N ALA A 150 1.56 -0.09 -11.75
CA ALA A 150 2.12 0.29 -13.06
C ALA A 150 2.48 -0.94 -13.84
N TRP A 151 3.09 -1.90 -13.17
CA TRP A 151 3.51 -3.12 -13.86
C TRP A 151 2.31 -3.92 -14.43
N ARG A 152 1.23 -3.99 -13.65
CA ARG A 152 -0.04 -4.58 -14.10
C ARG A 152 -0.54 -3.93 -15.41
N GLN A 153 -0.48 -2.59 -15.48
CA GLN A 153 -1.01 -1.88 -16.61
C GLN A 153 -0.18 -2.17 -17.88
N ALA A 154 1.10 -2.48 -17.70
CA ALA A 154 2.02 -2.94 -18.74
C ALA A 154 1.99 -4.46 -18.91
N GLY A 155 0.99 -5.13 -18.34
CA GLY A 155 0.80 -6.58 -18.53
C GLY A 155 1.89 -7.41 -17.88
N PHE A 156 2.58 -6.83 -16.92
CA PHE A 156 3.69 -7.51 -16.24
C PHE A 156 4.83 -7.96 -17.18
N GLU A 157 5.18 -7.13 -18.18
CA GLU A 157 6.24 -7.53 -19.12
C GLU A 157 7.56 -7.75 -18.40
N GLY A 158 8.26 -8.82 -18.77
CA GLY A 158 9.47 -9.25 -18.05
C GLY A 158 9.21 -10.25 -16.92
N GLY A 159 7.97 -10.34 -16.45
CA GLY A 159 7.66 -11.09 -15.25
C GLY A 159 7.36 -12.56 -15.50
N ALA A 160 7.82 -13.41 -14.58
CA ALA A 160 7.42 -14.81 -14.55
C ALA A 160 6.58 -15.07 -13.30
N MET B 5 -12.88 -5.70 6.05
CA MET B 5 -13.56 -6.62 5.11
C MET B 5 -12.58 -7.68 4.62
N PHE B 6 -11.46 -7.31 3.97
CA PHE B 6 -10.43 -8.34 3.63
C PHE B 6 -9.70 -8.88 4.85
N ASN B 7 -9.24 -10.12 4.74
CA ASN B 7 -8.55 -10.76 5.84
C ASN B 7 -7.14 -11.11 5.47
N VAL B 8 -6.17 -10.74 6.32
CA VAL B 8 -4.76 -11.14 6.10
C VAL B 8 -4.45 -12.17 7.16
N VAL B 9 -3.86 -13.27 6.73
CA VAL B 9 -3.48 -14.36 7.64
C VAL B 9 -1.96 -14.60 7.51
N LEU B 10 -1.20 -14.34 8.58
CA LEU B 10 0.22 -14.66 8.64
C LEU B 10 0.38 -15.97 9.41
N VAL B 11 0.93 -16.97 8.74
CA VAL B 11 1.17 -18.28 9.34
C VAL B 11 2.61 -18.34 9.79
N GLU B 12 2.77 -18.49 11.11
CA GLU B 12 4.06 -18.62 11.76
C GLU B 12 5.05 -17.52 11.36
N PRO B 13 4.63 -16.24 11.47
CA PRO B 13 5.52 -15.14 11.10
C PRO B 13 6.78 -15.15 11.98
N GLU B 14 7.91 -14.73 11.44
CA GLU B 14 9.22 -14.87 12.12
C GLU B 14 9.86 -13.51 12.47
N ILE B 15 9.82 -12.57 11.52
CA ILE B 15 10.53 -11.30 11.67
C ILE B 15 9.60 -10.24 12.26
N PRO B 16 9.88 -9.78 13.52
CA PRO B 16 8.95 -8.87 14.19
C PRO B 16 8.57 -7.57 13.46
N PRO B 17 9.55 -6.84 12.88
CA PRO B 17 9.18 -5.63 12.12
C PRO B 17 8.22 -5.88 10.95
N ASN B 18 8.26 -7.07 10.35
CA ASN B 18 7.27 -7.40 9.31
C ASN B 18 5.85 -7.40 9.85
N THR B 19 5.64 -7.99 11.01
CA THR B 19 4.31 -8.09 11.57
C THR B 19 3.88 -6.72 12.02
N GLY B 20 4.80 -5.93 12.59
CA GLY B 20 4.45 -4.56 12.98
C GLY B 20 3.99 -3.73 11.78
N ASN B 21 4.69 -3.88 10.67
CA ASN B 21 4.30 -3.15 9.47
C ASN B 21 2.90 -3.60 8.96
N VAL B 22 2.67 -4.91 8.97
CA VAL B 22 1.43 -5.48 8.53
C VAL B 22 0.26 -5.03 9.41
N ILE B 23 0.48 -4.87 10.72
CA ILE B 23 -0.56 -4.32 11.60
C ILE B 23 -0.96 -2.90 11.14
N ARG B 24 0.03 -2.07 10.84
CA ARG B 24 -0.25 -0.69 10.41
C ARG B 24 -0.94 -0.68 9.02
N LEU B 25 -0.47 -1.52 8.12
CA LEU B 25 -1.04 -1.64 6.78
C LEU B 25 -2.53 -2.06 6.86
N CYS B 26 -2.81 -3.04 7.71
CA CYS B 26 -4.20 -3.41 7.96
C CYS B 26 -5.02 -2.22 8.50
N ALA B 27 -4.50 -1.46 9.45
CA ALA B 27 -5.26 -0.28 9.92
C ALA B 27 -5.51 0.74 8.83
N ASN B 28 -4.50 0.99 8.01
CA ASN B 28 -4.59 1.93 6.93
C ASN B 28 -5.53 1.50 5.84
N THR B 29 -5.74 0.20 5.69
CA THR B 29 -6.59 -0.32 4.62
C THR B 29 -7.95 -0.82 5.11
N GLY B 30 -8.08 -1.06 6.42
CA GLY B 30 -9.36 -1.55 6.94
C GLY B 30 -9.42 -3.06 6.85
N ALA B 31 -8.27 -3.73 6.66
CA ALA B 31 -8.24 -5.19 6.63
C ALA B 31 -8.15 -5.79 8.04
N ARG B 32 -8.64 -7.02 8.20
CA ARG B 32 -8.59 -7.75 9.48
C ARG B 32 -7.34 -8.62 9.51
N LEU B 33 -6.58 -8.62 10.62
CA LEU B 33 -5.34 -9.39 10.68
C LEU B 33 -5.47 -10.66 11.57
N HIS B 34 -4.98 -11.79 11.06
CA HIS B 34 -4.97 -13.03 11.80
C HIS B 34 -3.56 -13.57 11.81
N LEU B 35 -3.09 -13.96 12.98
CA LEU B 35 -1.80 -14.64 13.11
C LEU B 35 -2.01 -16.07 13.56
N ILE B 36 -1.20 -16.99 13.02
CA ILE B 36 -1.27 -18.39 13.46
C ILE B 36 0.03 -18.78 14.14
N GLU B 37 -0.09 -19.31 15.36
CA GLU B 37 1.08 -19.73 16.16
C GLU B 37 1.66 -21.02 15.58
N PRO B 38 2.92 -21.36 15.93
CA PRO B 38 3.92 -20.60 16.69
C PRO B 38 4.49 -19.39 15.96
N LEU B 39 4.58 -18.27 16.67
CA LEU B 39 5.22 -17.04 16.19
C LEU B 39 6.72 -17.07 16.47
N GLY B 40 7.49 -16.23 15.79
CA GLY B 40 8.94 -16.22 15.99
C GLY B 40 9.36 -15.21 17.04
N PHE B 41 8.37 -14.70 17.78
CA PHE B 41 8.54 -13.54 18.64
C PHE B 41 7.35 -13.45 19.60
N PRO B 42 7.57 -12.85 20.79
CA PRO B 42 6.47 -12.68 21.74
C PRO B 42 5.63 -11.46 21.36
N LEU B 43 4.36 -11.45 21.77
CA LEU B 43 3.49 -10.30 21.61
C LEU B 43 3.11 -9.82 23.00
N ASP B 44 3.45 -8.59 23.33
CA ASP B 44 3.17 -8.02 24.65
C ASP B 44 2.77 -6.57 24.42
N ASP B 45 1.78 -6.10 25.17
CA ASP B 45 1.23 -4.76 24.97
C ASP B 45 2.31 -3.69 25.11
N ALA B 46 3.25 -3.90 26.04
CA ALA B 46 4.42 -3.02 26.17
C ALA B 46 5.31 -3.02 24.92
N LYS B 47 5.52 -4.19 24.33
CA LYS B 47 6.36 -4.32 23.12
C LYS B 47 5.71 -3.62 21.92
N MET B 48 4.39 -3.78 21.82
CA MET B 48 3.58 -3.12 20.78
C MET B 48 3.66 -1.59 20.90
N ARG B 49 3.33 -1.09 22.09
CA ARG B 49 3.34 0.34 22.35
C ARG B 49 4.74 0.91 22.11
N ARG B 50 5.74 0.15 22.53
CA ARG B 50 7.15 0.55 22.33
C ARG B 50 7.47 0.66 20.85
N ALA B 51 6.85 -0.22 20.05
CA ALA B 51 6.99 -0.19 18.59
C ALA B 51 6.27 0.99 17.94
N GLY B 52 5.45 1.70 18.72
CA GLY B 52 4.72 2.86 18.21
C GLY B 52 3.31 2.52 17.74
N LEU B 53 2.83 1.32 18.05
CA LEU B 53 1.46 0.90 17.66
C LEU B 53 0.49 1.18 18.79
N ASP B 54 -0.60 1.88 18.49
CA ASP B 54 -1.62 2.25 19.48
C ASP B 54 -2.62 1.09 19.72
N TYR B 55 -3.14 0.97 20.94
CA TYR B 55 -3.93 -0.21 21.31
C TYR B 55 -5.03 -0.54 20.31
N HIS B 56 -5.77 0.49 19.90
CA HIS B 56 -6.92 0.30 19.04
C HIS B 56 -6.54 -0.07 17.64
N GLU B 57 -5.28 0.14 17.30
CA GLU B 57 -4.76 -0.25 16.01
C GLU B 57 -4.60 -1.76 15.91
N TYR B 58 -4.43 -2.46 17.02
CA TYR B 58 -4.17 -3.90 16.96
C TYR B 58 -5.10 -4.75 17.84
N ALA B 59 -6.07 -4.11 18.50
CA ALA B 59 -6.93 -4.81 19.48
C ALA B 59 -7.77 -5.87 18.83
N GLN B 60 -8.26 -5.61 17.61
CA GLN B 60 -9.08 -6.59 16.86
C GLN B 60 -8.30 -7.69 16.15
N MET B 61 -6.97 -7.62 16.17
CA MET B 61 -6.13 -8.68 15.64
C MET B 61 -6.40 -10.00 16.35
N ARG B 62 -6.51 -11.08 15.62
CA ARG B 62 -6.80 -12.38 16.22
C ARG B 62 -5.56 -13.28 16.17
N VAL B 63 -5.27 -13.94 17.28
CA VAL B 63 -4.17 -14.90 17.37
C VAL B 63 -4.72 -16.30 17.59
N HIS B 64 -4.36 -17.22 16.72
CA HIS B 64 -4.93 -18.55 16.69
C HIS B 64 -3.87 -19.56 17.11
N ARG B 65 -4.26 -20.53 17.93
CA ARG B 65 -3.31 -21.51 18.48
C ARG B 65 -2.61 -22.28 17.38
N ASP B 66 -3.32 -22.52 16.27
CA ASP B 66 -2.80 -23.28 15.12
C ASP B 66 -3.84 -23.24 14.01
N TRP B 67 -3.50 -23.81 12.85
CA TRP B 67 -4.34 -23.72 11.65
C TRP B 67 -5.78 -24.23 11.85
N ASP B 68 -5.93 -25.37 12.52
CA ASP B 68 -7.22 -26.02 12.64
C ASP B 68 -8.15 -25.22 13.54
N ALA B 69 -7.62 -24.74 14.65
CA ALA B 69 -8.34 -23.77 15.48
C ALA B 69 -8.75 -22.50 14.68
N PHE B 70 -7.85 -22.00 13.84
CA PHE B 70 -8.19 -20.84 12.99
C PHE B 70 -9.44 -21.16 12.17
N VAL B 71 -9.39 -22.27 11.42
CA VAL B 71 -10.49 -22.65 10.54
C VAL B 71 -11.77 -22.85 11.35
N ALA B 72 -11.64 -23.60 12.44
CA ALA B 72 -12.76 -23.86 13.35
C ALA B 72 -13.39 -22.56 13.82
N ALA B 73 -12.55 -21.63 14.31
CA ALA B 73 -13.04 -20.35 14.83
C ALA B 73 -13.60 -19.39 13.76
N GLU B 74 -13.02 -19.35 12.56
CA GLU B 74 -13.40 -18.34 11.56
C GLU B 74 -14.28 -18.85 10.38
N ALA B 75 -14.19 -20.15 10.12
CA ALA B 75 -14.98 -20.83 9.08
C ALA B 75 -14.85 -20.13 7.73
N PRO B 76 -13.63 -19.91 7.30
CA PRO B 76 -13.42 -19.18 6.06
C PRO B 76 -13.90 -19.97 4.84
N ASP B 77 -14.56 -19.29 3.90
CA ASP B 77 -14.97 -19.90 2.65
C ASP B 77 -13.72 -20.35 1.88
N PRO B 78 -13.56 -21.67 1.65
CA PRO B 78 -12.37 -22.18 0.95
C PRO B 78 -12.19 -21.61 -0.47
N ALA B 79 -13.29 -21.40 -1.16
CA ALA B 79 -13.26 -20.79 -2.49
C ALA B 79 -12.85 -19.30 -2.42
N ARG B 80 -12.93 -18.68 -1.25
CA ARG B 80 -12.47 -17.28 -1.05
C ARG B 80 -11.19 -17.14 -0.20
N MET B 81 -10.44 -18.23 -0.05
CA MET B 81 -9.17 -18.20 0.68
C MET B 81 -8.02 -18.55 -0.27
N PHE B 82 -7.03 -17.66 -0.31
CA PHE B 82 -5.90 -17.77 -1.23
C PHE B 82 -4.59 -17.92 -0.47
N ALA B 83 -3.81 -18.94 -0.85
CA ALA B 83 -2.50 -19.26 -0.29
C ALA B 83 -1.33 -18.77 -1.21
N PHE B 84 -0.39 -18.07 -0.59
CA PHE B 84 0.75 -17.51 -1.32
C PHE B 84 1.90 -18.50 -1.30
N THR B 85 2.13 -19.07 -2.47
CA THR B 85 3.12 -20.10 -2.67
C THR B 85 3.52 -20.19 -4.13
N THR B 86 4.65 -20.84 -4.37
CA THR B 86 5.16 -21.06 -5.72
C THR B 86 4.68 -22.41 -6.33
N ARG B 87 4.42 -23.41 -5.50
CA ARG B 87 4.08 -24.74 -6.00
C ARG B 87 2.64 -24.85 -6.59
N GLY B 88 2.54 -24.97 -7.89
CA GLY B 88 1.24 -25.10 -8.53
C GLY B 88 0.35 -23.86 -8.53
N SER B 89 0.92 -22.68 -8.39
CA SER B 89 0.13 -21.45 -8.31
C SER B 89 0.01 -20.78 -9.66
N GLY B 90 -0.90 -19.81 -9.71
CA GLY B 90 -1.01 -18.88 -10.80
C GLY B 90 -0.74 -17.47 -10.30
N ARG B 91 -0.63 -16.55 -11.23
CA ARG B 91 -0.43 -15.16 -10.91
C ARG B 91 -1.60 -14.63 -10.12
N PHE B 92 -1.27 -13.98 -9.02
CA PHE B 92 -2.25 -13.35 -8.13
C PHE B 92 -3.28 -12.48 -8.87
N HIS B 93 -2.78 -11.62 -9.76
CA HIS B 93 -3.58 -10.58 -10.41
C HIS B 93 -4.57 -11.17 -11.41
N ASP B 94 -4.47 -12.48 -11.68
CA ASP B 94 -5.34 -13.16 -12.60
C ASP B 94 -6.71 -13.34 -12.00
N ARG B 95 -6.79 -13.40 -10.66
CA ARG B 95 -8.03 -13.74 -9.99
C ARG B 95 -8.85 -12.53 -9.64
N ALA B 96 -10.18 -12.68 -9.72
CA ALA B 96 -11.11 -11.67 -9.24
C ALA B 96 -11.34 -11.87 -7.74
N PHE B 97 -11.07 -10.80 -6.98
CA PHE B 97 -11.23 -10.79 -5.52
C PHE B 97 -12.49 -10.08 -5.07
N GLU B 98 -13.00 -10.46 -3.90
CA GLU B 98 -14.27 -9.97 -3.37
C GLU B 98 -14.05 -9.51 -1.94
N PRO B 99 -14.86 -8.54 -1.47
CA PRO B 99 -14.82 -8.17 -0.07
C PRO B 99 -14.95 -9.41 0.80
N GLY B 100 -14.15 -9.48 1.84
CA GLY B 100 -14.16 -10.61 2.75
C GLY B 100 -13.21 -11.76 2.44
N ASP B 101 -12.49 -11.70 1.33
CA ASP B 101 -11.54 -12.75 0.96
C ASP B 101 -10.39 -12.84 1.97
N TRP B 102 -9.69 -13.97 1.94
CA TRP B 102 -8.65 -14.28 2.91
C TRP B 102 -7.41 -14.54 2.13
N PHE B 103 -6.33 -13.90 2.57
CA PHE B 103 -5.03 -13.95 1.92
C PHE B 103 -4.04 -14.52 2.92
N VAL B 104 -3.50 -15.71 2.64
CA VAL B 104 -2.76 -16.50 3.60
C VAL B 104 -1.30 -16.50 3.21
N PHE B 105 -0.46 -15.99 4.11
CA PHE B 105 0.96 -15.87 3.85
C PHE B 105 1.77 -16.65 4.88
N GLY B 106 2.82 -17.31 4.42
CA GLY B 106 3.74 -17.94 5.33
C GLY B 106 4.91 -17.07 5.74
N ALA B 107 5.79 -17.61 6.56
CA ALA B 107 6.96 -16.87 7.03
C ALA B 107 7.80 -16.43 5.83
N GLU B 108 8.34 -15.22 5.88
CA GLU B 108 9.20 -14.72 4.80
C GLU B 108 10.34 -15.68 4.47
N THR B 109 10.92 -16.32 5.48
CA THR B 109 12.04 -17.23 5.25
C THR B 109 11.55 -18.62 4.80
N ARG B 110 10.60 -19.19 5.55
CA ARG B 110 10.09 -20.54 5.25
C ARG B 110 9.09 -20.63 4.07
N GLY B 111 8.17 -19.69 3.95
CA GLY B 111 7.00 -19.85 3.08
C GLY B 111 6.04 -20.80 3.76
N LEU B 112 4.88 -21.04 3.17
CA LEU B 112 3.89 -21.93 3.78
C LEU B 112 4.42 -23.36 3.77
N ALA B 113 4.20 -24.11 4.84
CA ALA B 113 4.58 -25.52 4.90
C ALA B 113 3.82 -26.34 3.85
N PRO B 114 4.49 -27.33 3.21
CA PRO B 114 3.84 -28.14 2.15
C PRO B 114 2.57 -28.81 2.63
N ALA B 115 2.59 -29.26 3.89
CA ALA B 115 1.41 -29.80 4.55
C ALA B 115 0.20 -28.92 4.26
N LEU B 116 0.37 -27.63 4.48
CA LEU B 116 -0.70 -26.65 4.37
C LEU B 116 -1.01 -26.32 2.91
N VAL B 117 0.03 -26.09 2.11
CA VAL B 117 -0.15 -25.83 0.68
C VAL B 117 -1.00 -26.95 0.00
N ASP B 118 -0.76 -28.21 0.36
CA ASP B 118 -1.53 -29.37 -0.10
C ASP B 118 -3.02 -29.34 0.26
N ARG B 119 -3.41 -28.58 1.27
CA ARG B 119 -4.84 -28.43 1.59
C ARG B 119 -5.56 -27.46 0.62
N PHE B 120 -4.82 -26.64 -0.12
CA PHE B 120 -5.42 -25.68 -1.03
C PHE B 120 -5.53 -26.17 -2.48
N ALA B 121 -6.72 -26.04 -3.07
CA ALA B 121 -6.86 -26.33 -4.50
C ALA B 121 -5.94 -25.39 -5.31
N PRO B 122 -5.45 -25.87 -6.48
CA PRO B 122 -4.52 -25.06 -7.27
C PRO B 122 -5.07 -23.66 -7.61
N GLU B 123 -6.38 -23.59 -7.88
CA GLU B 123 -7.10 -22.34 -8.19
C GLU B 123 -6.88 -21.28 -7.12
N GLN B 124 -6.78 -21.73 -5.87
CA GLN B 124 -6.60 -20.84 -4.74
C GLN B 124 -5.14 -20.57 -4.40
N ARG B 125 -4.23 -21.02 -5.24
CA ARG B 125 -2.80 -20.77 -4.98
C ARG B 125 -2.28 -19.66 -5.92
N VAL B 126 -1.66 -18.67 -5.32
CA VAL B 126 -1.35 -17.43 -6.05
C VAL B 126 0.05 -16.95 -5.67
N ARG B 127 0.68 -16.24 -6.59
CA ARG B 127 1.96 -15.59 -6.31
C ARG B 127 1.99 -14.26 -7.00
N LEU B 128 2.85 -13.39 -6.52
CA LEU B 128 3.04 -12.11 -7.20
C LEU B 128 3.97 -12.37 -8.38
N PRO B 129 3.76 -11.70 -9.52
CA PRO B 129 4.76 -11.78 -10.59
C PRO B 129 6.15 -11.29 -10.13
N MET B 130 7.18 -11.94 -10.65
CA MET B 130 8.57 -11.60 -10.34
C MET B 130 9.38 -11.77 -11.60
N ARG B 131 10.37 -10.90 -11.80
CA ARG B 131 11.42 -11.21 -12.77
C ARG B 131 12.20 -12.45 -12.32
N PRO B 132 12.45 -13.39 -13.24
CA PRO B 132 13.14 -14.64 -12.88
C PRO B 132 14.44 -14.43 -12.09
N GLY B 133 14.68 -15.27 -11.10
CA GLY B 133 15.99 -15.39 -10.44
C GLY B 133 16.30 -14.37 -9.36
N ASN B 134 15.26 -13.77 -8.78
CA ASN B 134 15.43 -12.78 -7.72
C ASN B 134 14.91 -13.31 -6.39
N ARG B 135 15.47 -12.81 -5.30
CA ARG B 135 14.92 -13.08 -3.98
C ARG B 135 13.46 -12.57 -3.92
N SER B 136 12.65 -13.18 -3.07
CA SER B 136 11.28 -12.73 -2.87
C SER B 136 11.23 -11.35 -2.20
N LEU B 137 10.06 -10.74 -2.27
CA LEU B 137 9.84 -9.42 -1.68
C LEU B 137 9.79 -9.51 -0.18
N ASN B 138 10.09 -8.42 0.49
CA ASN B 138 9.78 -8.31 1.90
C ASN B 138 8.30 -8.69 2.08
N LEU B 139 8.00 -9.48 3.10
CA LEU B 139 6.61 -9.90 3.39
C LEU B 139 5.65 -8.70 3.56
N SER B 140 6.06 -7.67 4.31
CA SER B 140 5.18 -6.49 4.45
C SER B 140 4.77 -5.90 3.07
N ASN B 141 5.73 -5.78 2.14
CA ASN B 141 5.44 -5.27 0.81
C ASN B 141 4.48 -6.15 0.03
N THR B 142 4.64 -7.47 0.17
CA THR B 142 3.80 -8.43 -0.49
C THR B 142 2.37 -8.26 -0.01
N VAL B 143 2.16 -8.24 1.31
CA VAL B 143 0.82 -7.99 1.89
C VAL B 143 0.21 -6.69 1.36
N ALA B 144 1.01 -5.63 1.33
CA ALA B 144 0.53 -4.33 0.84
C ALA B 144 0.03 -4.44 -0.61
N VAL B 145 0.82 -5.10 -1.45
CA VAL B 145 0.49 -5.21 -2.86
C VAL B 145 -0.83 -6.02 -3.01
N VAL B 146 -0.93 -7.09 -2.24
CA VAL B 146 -2.11 -7.96 -2.24
C VAL B 146 -3.33 -7.19 -1.88
N VAL B 147 -3.28 -6.52 -0.74
CA VAL B 147 -4.47 -5.80 -0.21
C VAL B 147 -4.89 -4.63 -1.12
N PHE B 148 -3.89 -3.91 -1.66
CA PHE B 148 -4.20 -2.76 -2.52
C PHE B 148 -4.72 -3.19 -3.88
N GLU B 149 -4.34 -4.37 -4.34
CA GLU B 149 -4.89 -4.89 -5.58
C GLU B 149 -6.33 -5.37 -5.38
N ALA B 150 -6.55 -6.18 -4.34
CA ALA B 150 -7.94 -6.57 -3.99
C ALA B 150 -8.82 -5.31 -3.75
N TRP B 151 -8.25 -4.28 -3.13
CA TRP B 151 -9.04 -3.06 -2.84
C TRP B 151 -9.37 -2.29 -4.13
N ARG B 152 -8.39 -2.20 -5.05
CA ARG B 152 -8.60 -1.63 -6.36
C ARG B 152 -9.78 -2.31 -7.09
N GLN B 153 -9.87 -3.63 -7.02
CA GLN B 153 -10.95 -4.34 -7.72
C GLN B 153 -12.33 -4.05 -7.10
N ALA B 154 -12.32 -3.67 -5.85
CA ALA B 154 -13.53 -3.23 -5.19
C ALA B 154 -13.66 -1.69 -5.30
N GLY B 155 -12.92 -1.05 -6.22
CA GLY B 155 -13.04 0.41 -6.40
C GLY B 155 -12.60 1.26 -5.22
N PHE B 156 -11.70 0.73 -4.41
CA PHE B 156 -11.22 1.42 -3.18
C PHE B 156 -12.35 1.91 -2.26
N GLU B 157 -13.46 1.18 -2.25
CA GLU B 157 -14.62 1.44 -1.40
C GLU B 157 -14.22 1.74 0.03
N GLY B 158 -14.67 2.88 0.54
CA GLY B 158 -14.30 3.27 1.93
C GLY B 158 -12.90 3.83 2.08
N GLY B 159 -12.25 4.14 0.98
CA GLY B 159 -10.93 4.71 1.02
C GLY B 159 -10.90 6.01 0.26
N ALA B 160 -10.05 6.93 0.70
CA ALA B 160 -9.80 8.20 0.00
C ALA B 160 -8.50 8.79 0.54
N SER C 4 -34.97 -24.01 -3.19
CA SER C 4 -34.85 -23.27 -4.49
C SER C 4 -33.80 -22.17 -4.35
N MET C 5 -32.88 -22.15 -5.30
CA MET C 5 -31.74 -21.23 -5.19
C MET C 5 -32.29 -19.80 -5.26
N PHE C 6 -33.16 -19.56 -6.23
CA PHE C 6 -33.77 -18.23 -6.47
C PHE C 6 -35.05 -18.50 -7.23
N ASN C 7 -35.88 -17.47 -7.37
CA ASN C 7 -37.10 -17.56 -8.17
C ASN C 7 -37.17 -16.51 -9.28
N VAL C 8 -37.39 -16.99 -10.50
CA VAL C 8 -37.66 -16.16 -11.64
C VAL C 8 -39.14 -16.16 -11.98
N VAL C 9 -39.71 -14.96 -12.07
CA VAL C 9 -41.11 -14.79 -12.44
C VAL C 9 -41.20 -13.99 -13.73
N LEU C 10 -41.76 -14.63 -14.76
CA LEU C 10 -42.04 -13.97 -16.03
C LEU C 10 -43.52 -13.60 -16.06
N VAL C 11 -43.81 -12.30 -16.10
CA VAL C 11 -45.17 -11.80 -16.18
C VAL C 11 -45.60 -11.67 -17.66
N GLU C 12 -46.56 -12.53 -18.04
CA GLU C 12 -47.20 -12.48 -19.35
C GLU C 12 -46.18 -12.43 -20.50
N PRO C 13 -45.21 -13.33 -20.50
CA PRO C 13 -44.24 -13.38 -21.57
C PRO C 13 -44.94 -13.68 -22.94
N GLU C 14 -44.38 -13.16 -24.02
CA GLU C 14 -45.00 -13.09 -25.33
C GLU C 14 -44.31 -13.99 -26.36
N ILE C 15 -42.98 -14.06 -26.30
CA ILE C 15 -42.19 -14.62 -27.42
C ILE C 15 -41.55 -15.96 -26.99
N PRO C 16 -42.00 -17.08 -27.57
CA PRO C 16 -41.58 -18.40 -27.06
C PRO C 16 -40.08 -18.65 -26.85
N PRO C 17 -39.22 -18.21 -27.78
CA PRO C 17 -37.81 -18.50 -27.55
C PRO C 17 -37.21 -17.87 -26.30
N ASN C 18 -37.70 -16.70 -25.84
CA ASN C 18 -37.23 -16.10 -24.61
C ASN C 18 -37.55 -16.97 -23.42
N THR C 19 -38.75 -17.52 -23.42
CA THR C 19 -39.14 -18.37 -22.32
C THR C 19 -38.39 -19.70 -22.41
N GLY C 20 -38.22 -20.23 -23.63
CA GLY C 20 -37.34 -21.38 -23.86
C GLY C 20 -35.96 -21.14 -23.22
N ASN C 21 -35.38 -19.98 -23.53
CA ASN C 21 -34.07 -19.64 -22.99
C ASN C 21 -34.05 -19.57 -21.46
N VAL C 22 -35.09 -19.00 -20.87
CA VAL C 22 -35.18 -18.85 -19.44
C VAL C 22 -35.38 -20.21 -18.74
N ILE C 23 -36.19 -21.11 -19.32
CA ILE C 23 -36.27 -22.49 -18.78
C ILE C 23 -34.87 -23.12 -18.64
N ARG C 24 -34.06 -23.05 -19.69
CA ARG C 24 -32.71 -23.62 -19.71
C ARG C 24 -31.79 -22.95 -18.64
N LEU C 25 -31.92 -21.64 -18.52
CA LEU C 25 -31.18 -20.86 -17.55
C LEU C 25 -31.54 -21.27 -16.11
N CYS C 26 -32.81 -21.47 -15.86
CA CYS C 26 -33.25 -21.87 -14.51
C CYS C 26 -32.76 -23.28 -14.17
N ALA C 27 -32.78 -24.17 -15.14
CA ALA C 27 -32.30 -25.53 -14.93
C ALA C 27 -30.78 -25.52 -14.70
N ASN C 28 -30.05 -24.71 -15.48
CA ASN C 28 -28.62 -24.50 -15.26
C ASN C 28 -28.24 -23.99 -13.89
N THR C 29 -29.10 -23.17 -13.31
CA THR C 29 -28.73 -22.45 -12.10
C THR C 29 -29.40 -22.92 -10.81
N GLY C 30 -30.45 -23.72 -10.92
CA GLY C 30 -31.23 -24.15 -9.79
C GLY C 30 -32.36 -23.20 -9.43
N ALA C 31 -32.60 -22.16 -10.23
CA ALA C 31 -33.71 -21.27 -9.99
C ALA C 31 -35.04 -21.96 -10.38
N ARG C 32 -36.08 -21.68 -9.60
CA ARG C 32 -37.44 -22.13 -9.91
C ARG C 32 -38.13 -21.10 -10.79
N LEU C 33 -38.65 -21.54 -11.93
CA LEU C 33 -39.35 -20.63 -12.84
C LEU C 33 -40.83 -20.55 -12.52
N HIS C 34 -41.34 -19.32 -12.53
CA HIS C 34 -42.79 -19.08 -12.51
C HIS C 34 -43.27 -18.26 -13.69
N LEU C 35 -44.37 -18.68 -14.33
CA LEU C 35 -44.96 -17.96 -15.46
C LEU C 35 -46.30 -17.45 -15.04
N ILE C 36 -46.57 -16.17 -15.29
CA ILE C 36 -47.89 -15.58 -15.02
C ILE C 36 -48.64 -15.47 -16.34
N GLU C 37 -49.77 -16.16 -16.41
CA GLU C 37 -50.71 -16.07 -17.55
C GLU C 37 -51.37 -14.71 -17.60
N PRO C 38 -51.87 -14.32 -18.79
CA PRO C 38 -51.78 -15.05 -20.06
C PRO C 38 -50.40 -15.03 -20.70
N LEU C 39 -50.02 -16.16 -21.29
CA LEU C 39 -48.82 -16.29 -22.09
C LEU C 39 -49.15 -15.92 -23.55
N GLY C 40 -48.16 -15.49 -24.33
CA GLY C 40 -48.35 -15.31 -25.77
C GLY C 40 -48.20 -16.58 -26.61
N PHE C 41 -48.17 -17.74 -25.96
CA PHE C 41 -47.89 -18.98 -26.66
C PHE C 41 -48.28 -20.17 -25.81
N PRO C 42 -48.52 -21.34 -26.44
CA PRO C 42 -49.02 -22.47 -25.69
C PRO C 42 -47.89 -23.27 -25.07
N LEU C 43 -48.22 -24.07 -24.07
CA LEU C 43 -47.24 -24.89 -23.37
C LEU C 43 -47.62 -26.35 -23.50
N ASP C 44 -46.87 -27.07 -24.33
CA ASP C 44 -47.12 -28.49 -24.59
C ASP C 44 -45.80 -29.25 -24.64
N ASP C 45 -45.83 -30.48 -24.17
CA ASP C 45 -44.63 -31.30 -24.08
C ASP C 45 -43.92 -31.40 -25.42
N ALA C 46 -44.70 -31.72 -26.45
CA ALA C 46 -44.19 -31.98 -27.79
C ALA C 46 -43.39 -30.80 -28.30
N LYS C 47 -43.97 -29.61 -28.19
CA LYS C 47 -43.32 -28.39 -28.63
C LYS C 47 -42.15 -28.07 -27.70
N MET C 48 -42.37 -28.25 -26.40
CA MET C 48 -41.29 -28.07 -25.40
C MET C 48 -40.09 -28.93 -25.82
N ARG C 49 -40.28 -30.25 -25.77
CA ARG C 49 -39.32 -31.23 -26.31
C ARG C 49 -38.86 -30.86 -27.71
N ARG C 50 -39.81 -30.51 -28.56
CA ARG C 50 -39.54 -30.20 -29.97
C ARG C 50 -38.57 -29.06 -30.12
N ALA C 51 -38.70 -28.04 -29.27
CA ALA C 51 -37.81 -26.88 -29.30
C ALA C 51 -36.44 -27.13 -28.66
N GLY C 52 -36.23 -28.33 -28.12
CA GLY C 52 -34.90 -28.78 -27.64
C GLY C 52 -34.74 -28.84 -26.12
N LEU C 53 -35.85 -29.00 -25.40
CA LEU C 53 -35.86 -28.94 -23.94
C LEU C 53 -36.12 -30.32 -23.42
N ASP C 54 -35.45 -30.70 -22.34
CA ASP C 54 -35.63 -32.03 -21.75
C ASP C 54 -36.65 -31.88 -20.64
N TYR C 55 -37.42 -32.93 -20.40
CA TYR C 55 -38.51 -32.91 -19.42
C TYR C 55 -38.17 -32.28 -18.08
N HIS C 56 -37.08 -32.72 -17.47
CA HIS C 56 -36.73 -32.27 -16.11
C HIS C 56 -36.42 -30.78 -16.04
N GLU C 57 -36.02 -30.20 -17.17
CA GLU C 57 -35.74 -28.78 -17.22
C GLU C 57 -36.96 -27.94 -16.84
N TYR C 58 -38.16 -28.42 -17.20
CA TYR C 58 -39.40 -27.67 -16.97
C TYR C 58 -40.42 -28.36 -16.06
N ALA C 59 -40.12 -29.57 -15.59
CA ALA C 59 -41.09 -30.40 -14.85
C ALA C 59 -41.62 -29.67 -13.62
N GLN C 60 -40.71 -28.98 -12.93
CA GLN C 60 -41.03 -28.30 -11.69
C GLN C 60 -41.40 -26.81 -11.91
N MET C 61 -41.39 -26.36 -13.16
CA MET C 61 -41.80 -24.99 -13.51
C MET C 61 -43.25 -24.79 -13.09
N ARG C 62 -43.57 -23.59 -12.64
CA ARG C 62 -44.91 -23.32 -12.17
C ARG C 62 -45.66 -22.28 -13.01
N VAL C 63 -46.89 -22.60 -13.38
CA VAL C 63 -47.66 -21.69 -14.21
C VAL C 63 -48.83 -21.25 -13.37
N HIS C 64 -48.97 -19.93 -13.23
CA HIS C 64 -49.99 -19.29 -12.43
C HIS C 64 -51.00 -18.58 -13.32
N ARG C 65 -52.24 -18.61 -12.86
CA ARG C 65 -53.41 -18.08 -13.59
C ARG C 65 -53.35 -16.57 -13.78
N ASP C 66 -52.92 -15.89 -12.73
CA ASP C 66 -52.79 -14.43 -12.76
C ASP C 66 -51.87 -14.02 -11.60
N TRP C 67 -51.59 -12.73 -11.49
CA TRP C 67 -50.62 -12.24 -10.50
C TRP C 67 -51.13 -12.49 -9.04
N ASP C 68 -52.42 -12.27 -8.80
CA ASP C 68 -53.00 -12.53 -7.47
C ASP C 68 -52.90 -14.01 -7.06
N ALA C 69 -53.26 -14.91 -7.95
CA ALA C 69 -53.07 -16.36 -7.70
C ALA C 69 -51.61 -16.69 -7.36
N PHE C 70 -50.67 -16.13 -8.11
CA PHE C 70 -49.24 -16.33 -7.83
C PHE C 70 -48.88 -15.93 -6.38
N VAL C 71 -49.21 -14.70 -5.98
CA VAL C 71 -48.93 -14.18 -4.63
C VAL C 71 -49.62 -15.05 -3.56
N ALA C 72 -50.83 -15.51 -3.87
CA ALA C 72 -51.58 -16.39 -2.98
C ALA C 72 -50.91 -17.75 -2.83
N ALA C 73 -50.41 -18.34 -3.92
CA ALA C 73 -49.86 -19.71 -3.84
C ALA C 73 -48.43 -19.77 -3.23
N GLU C 74 -47.61 -18.76 -3.52
CA GLU C 74 -46.20 -18.80 -3.15
C GLU C 74 -45.85 -17.94 -1.95
N ALA C 75 -46.66 -16.90 -1.70
CA ALA C 75 -46.53 -16.07 -0.53
C ALA C 75 -45.13 -15.50 -0.44
N PRO C 76 -44.72 -14.75 -1.49
CA PRO C 76 -43.37 -14.17 -1.50
C PRO C 76 -43.16 -13.05 -0.51
N ASP C 77 -42.00 -13.05 0.13
CA ASP C 77 -41.65 -11.99 1.07
C ASP C 77 -41.41 -10.71 0.27
N PRO C 78 -42.26 -9.67 0.50
CA PRO C 78 -42.14 -8.45 -0.31
C PRO C 78 -40.80 -7.77 -0.19
N ALA C 79 -40.11 -7.97 0.95
CA ALA C 79 -38.80 -7.38 1.16
C ALA C 79 -37.79 -7.98 0.20
N ARG C 80 -38.04 -9.20 -0.27
CA ARG C 80 -37.11 -9.90 -1.12
C ARG C 80 -37.63 -10.08 -2.56
N MET C 81 -38.50 -9.17 -3.02
CA MET C 81 -39.00 -9.17 -4.40
C MET C 81 -38.50 -7.98 -5.18
N PHE C 82 -37.94 -8.26 -6.35
CA PHE C 82 -37.34 -7.23 -7.19
C PHE C 82 -38.06 -7.23 -8.51
N ALA C 83 -38.49 -6.03 -8.92
CA ALA C 83 -39.06 -5.83 -10.23
C ALA C 83 -38.00 -5.20 -11.15
N PHE C 84 -37.70 -5.87 -12.26
CA PHE C 84 -36.60 -5.42 -13.14
C PHE C 84 -37.25 -4.63 -14.25
N THR C 85 -36.93 -3.36 -14.30
CA THR C 85 -37.54 -2.46 -15.25
C THR C 85 -36.54 -1.36 -15.63
N THR C 86 -36.54 -0.98 -16.89
CA THR C 86 -35.71 0.16 -17.33
C THR C 86 -36.12 1.47 -16.69
N ARG C 87 -37.27 1.51 -16.04
CA ARG C 87 -37.75 2.75 -15.47
C ARG C 87 -37.36 2.89 -14.00
N GLY C 88 -36.63 1.94 -13.46
CA GLY C 88 -36.36 1.93 -12.03
C GLY C 88 -35.17 2.75 -11.62
N SER C 89 -35.17 3.19 -10.36
CA SER C 89 -34.04 3.91 -9.78
C SER C 89 -33.21 3.02 -8.88
N GLY C 90 -33.73 1.84 -8.54
CA GLY C 90 -32.92 0.85 -7.82
C GLY C 90 -31.69 0.54 -8.65
N ARG C 91 -30.52 0.62 -8.02
CA ARG C 91 -29.25 0.35 -8.64
C ARG C 91 -29.01 -1.16 -8.70
N PHE C 92 -28.65 -1.68 -9.87
CA PHE C 92 -28.19 -3.07 -10.00
C PHE C 92 -26.85 -3.26 -9.28
N HIS C 93 -25.89 -2.37 -9.52
CA HIS C 93 -24.56 -2.46 -8.91
C HIS C 93 -24.62 -2.58 -7.38
N ASP C 94 -25.58 -1.88 -6.76
CA ASP C 94 -25.64 -1.79 -5.29
C ASP C 94 -26.58 -2.76 -4.58
N ARG C 95 -26.99 -3.84 -5.24
CA ARG C 95 -27.99 -4.73 -4.62
C ARG C 95 -27.39 -6.09 -4.16
N ALA C 96 -27.70 -6.44 -2.93
CA ALA C 96 -27.39 -7.74 -2.38
C ALA C 96 -28.57 -8.67 -2.65
N PHE C 97 -28.34 -9.76 -3.36
CA PHE C 97 -29.37 -10.76 -3.57
C PHE C 97 -29.12 -11.91 -2.62
N GLU C 98 -30.20 -12.54 -2.17
CA GLU C 98 -30.12 -13.70 -1.29
C GLU C 98 -30.86 -14.94 -1.84
N PRO C 99 -30.40 -16.15 -1.48
CA PRO C 99 -31.18 -17.35 -1.83
C PRO C 99 -32.66 -17.19 -1.50
N GLY C 100 -33.52 -17.61 -2.43
CA GLY C 100 -34.96 -17.52 -2.23
C GLY C 100 -35.59 -16.23 -2.71
N ASP C 101 -34.76 -15.24 -3.05
CA ASP C 101 -35.27 -13.98 -3.63
C ASP C 101 -36.21 -14.22 -4.84
N TRP C 102 -37.04 -13.23 -5.14
CA TRP C 102 -37.91 -13.25 -6.31
C TRP C 102 -37.50 -12.19 -7.34
N PHE C 103 -37.26 -12.64 -8.56
CA PHE C 103 -36.82 -11.78 -9.64
C PHE C 103 -37.93 -11.68 -10.68
N VAL C 104 -38.51 -10.49 -10.81
CA VAL C 104 -39.73 -10.30 -11.60
C VAL C 104 -39.43 -9.47 -12.86
N PHE C 105 -39.85 -10.02 -14.01
CA PHE C 105 -39.52 -9.47 -15.33
C PHE C 105 -40.81 -9.35 -16.14
N GLY C 106 -40.85 -8.34 -17.01
CA GLY C 106 -42.05 -8.08 -17.83
C GLY C 106 -41.98 -8.57 -19.25
N ALA C 107 -43.00 -8.22 -20.05
CA ALA C 107 -43.17 -8.77 -21.38
C ALA C 107 -42.38 -8.00 -22.40
N GLU C 108 -42.10 -8.67 -23.51
CA GLU C 108 -41.19 -8.13 -24.52
C GLU C 108 -41.58 -6.76 -25.10
N THR C 109 -42.85 -6.50 -25.30
CA THR C 109 -43.27 -5.34 -26.08
C THR C 109 -43.31 -4.14 -25.19
N ARG C 110 -43.96 -4.30 -24.04
CA ARG C 110 -44.24 -3.18 -23.19
C ARG C 110 -43.65 -3.28 -21.77
N GLY C 111 -43.07 -4.42 -21.40
CA GLY C 111 -42.52 -4.53 -20.04
C GLY C 111 -43.64 -4.62 -19.00
N LEU C 112 -43.28 -4.52 -17.73
CA LEU C 112 -44.22 -4.70 -16.62
C LEU C 112 -45.25 -3.57 -16.55
N ALA C 113 -46.51 -3.92 -16.42
CA ALA C 113 -47.54 -2.93 -16.14
C ALA C 113 -47.02 -1.97 -15.09
N PRO C 114 -47.11 -0.66 -15.35
CA PRO C 114 -46.84 0.38 -14.38
C PRO C 114 -47.52 0.13 -13.04
N ALA C 115 -48.75 -0.39 -13.06
CA ALA C 115 -49.49 -0.63 -11.83
C ALA C 115 -48.85 -1.75 -10.99
N LEU C 116 -48.25 -2.76 -11.62
CA LEU C 116 -47.54 -3.76 -10.85
C LEU C 116 -46.24 -3.16 -10.28
N VAL C 117 -45.49 -2.46 -11.12
CA VAL C 117 -44.23 -1.82 -10.70
C VAL C 117 -44.45 -0.93 -9.48
N ASP C 118 -45.52 -0.13 -9.50
CA ASP C 118 -45.95 0.71 -8.36
C ASP C 118 -46.05 -0.03 -7.00
N ARG C 119 -46.49 -1.27 -7.00
CA ARG C 119 -46.56 -2.06 -5.76
C ARG C 119 -45.20 -2.33 -5.10
N PHE C 120 -44.12 -2.32 -5.88
CA PHE C 120 -42.79 -2.57 -5.32
C PHE C 120 -42.26 -1.27 -4.71
N ALA C 121 -41.50 -1.39 -3.62
CA ALA C 121 -40.82 -0.22 -3.05
C ALA C 121 -39.85 0.36 -4.12
N PRO C 122 -39.70 1.70 -4.15
CA PRO C 122 -38.88 2.39 -5.15
C PRO C 122 -37.53 1.73 -5.43
N GLU C 123 -36.85 1.33 -4.38
CA GLU C 123 -35.47 0.90 -4.49
C GLU C 123 -35.41 -0.59 -4.88
N GLN C 124 -36.57 -1.23 -4.92
CA GLN C 124 -36.65 -2.60 -5.41
C GLN C 124 -37.22 -2.63 -6.82
N ARG C 125 -37.29 -1.46 -7.45
CA ARG C 125 -37.47 -1.41 -8.90
C ARG C 125 -36.08 -1.23 -9.50
N VAL C 126 -35.51 -2.29 -10.04
CA VAL C 126 -34.09 -2.32 -10.38
C VAL C 126 -33.83 -2.24 -11.88
N ARG C 127 -32.95 -1.36 -12.29
CA ARG C 127 -32.60 -1.18 -13.70
C ARG C 127 -31.19 -1.70 -13.82
N LEU C 128 -30.94 -2.56 -14.80
CA LEU C 128 -29.59 -2.96 -15.16
C LEU C 128 -28.98 -1.89 -16.02
N PRO C 129 -27.70 -1.55 -15.79
CA PRO C 129 -27.07 -0.44 -16.53
C PRO C 129 -26.99 -0.73 -18.02
N MET C 130 -27.13 0.31 -18.80
CA MET C 130 -26.94 0.21 -20.26
C MET C 130 -26.21 1.44 -20.75
N ARG C 131 -25.68 1.40 -21.95
CA ARG C 131 -25.19 2.64 -22.54
C ARG C 131 -26.33 3.66 -22.70
N PRO C 132 -26.00 4.98 -22.66
CA PRO C 132 -27.07 5.98 -22.65
C PRO C 132 -27.99 5.88 -23.88
N GLY C 133 -29.28 6.18 -23.67
CA GLY C 133 -30.22 6.32 -24.77
C GLY C 133 -31.46 5.49 -24.49
N ASN C 134 -32.43 5.54 -25.39
CA ASN C 134 -33.63 4.72 -25.22
C ASN C 134 -33.39 3.28 -25.67
N ARG C 135 -33.10 2.40 -24.72
CA ARG C 135 -32.79 1.01 -25.02
C ARG C 135 -33.47 0.07 -24.06
N SER C 136 -33.41 -1.21 -24.40
CA SER C 136 -33.72 -2.24 -23.41
C SER C 136 -32.99 -3.50 -23.78
N LEU C 137 -32.71 -4.31 -22.77
CA LEU C 137 -32.13 -5.63 -22.99
C LEU C 137 -33.23 -6.58 -23.46
N ASN C 138 -32.82 -7.58 -24.24
CA ASN C 138 -33.61 -8.80 -24.44
C ASN C 138 -34.05 -9.39 -23.10
N LEU C 139 -35.28 -9.89 -23.02
CA LEU C 139 -35.80 -10.44 -21.75
C LEU C 139 -34.95 -11.57 -21.16
N SER C 140 -34.63 -12.57 -21.97
CA SER C 140 -33.90 -13.72 -21.46
C SER C 140 -32.46 -13.33 -21.07
N ASN C 141 -31.90 -12.35 -21.79
CA ASN C 141 -30.56 -11.88 -21.46
C ASN C 141 -30.58 -11.29 -20.07
N THR C 142 -31.61 -10.48 -19.80
CA THR C 142 -31.74 -9.81 -18.51
C THR C 142 -31.85 -10.84 -17.41
N VAL C 143 -32.73 -11.79 -17.58
CA VAL C 143 -32.85 -12.89 -16.60
C VAL C 143 -31.53 -13.58 -16.32
N ALA C 144 -30.78 -13.88 -17.38
CA ALA C 144 -29.50 -14.57 -17.19
C ALA C 144 -28.53 -13.76 -16.37
N VAL C 145 -28.47 -12.45 -16.64
CA VAL C 145 -27.52 -11.57 -15.93
C VAL C 145 -27.94 -11.46 -14.47
N VAL C 146 -29.22 -11.26 -14.22
CA VAL C 146 -29.70 -11.21 -12.85
C VAL C 146 -29.37 -12.53 -12.08
N VAL C 147 -29.69 -13.67 -12.65
CA VAL C 147 -29.55 -14.92 -11.93
C VAL C 147 -28.08 -15.21 -11.67
N PHE C 148 -27.25 -15.05 -12.69
CA PHE C 148 -25.86 -15.27 -12.52
C PHE C 148 -25.18 -14.38 -11.52
N GLU C 149 -25.54 -13.09 -11.48
CA GLU C 149 -25.02 -12.19 -10.49
C GLU C 149 -25.49 -12.62 -9.09
N ALA C 150 -26.77 -12.91 -8.94
CA ALA C 150 -27.21 -13.39 -7.62
C ALA C 150 -26.49 -14.70 -7.24
N TRP C 151 -26.25 -15.55 -8.22
CA TRP C 151 -25.62 -16.83 -7.91
C TRP C 151 -24.12 -16.59 -7.53
N ARG C 152 -23.48 -15.62 -8.17
CA ARG C 152 -22.13 -15.25 -7.80
C ARG C 152 -22.09 -14.86 -6.32
N GLN C 153 -23.07 -14.07 -5.89
CA GLN C 153 -23.14 -13.67 -4.48
C GLN C 153 -23.27 -14.84 -3.57
N ALA C 154 -23.89 -15.91 -4.02
CA ALA C 154 -24.06 -17.13 -3.22
C ALA C 154 -22.96 -18.18 -3.43
N GLY C 155 -21.87 -17.79 -4.09
CA GLY C 155 -20.74 -18.68 -4.24
C GLY C 155 -20.97 -19.75 -5.29
N PHE C 156 -21.96 -19.54 -6.15
CA PHE C 156 -22.35 -20.56 -7.14
C PHE C 156 -22.69 -21.92 -6.50
N GLU C 157 -23.29 -21.88 -5.31
CA GLU C 157 -23.75 -23.07 -4.58
C GLU C 157 -24.53 -24.05 -5.47
N GLY C 158 -24.14 -25.33 -5.45
CA GLY C 158 -24.75 -26.34 -6.31
C GLY C 158 -24.14 -26.42 -7.70
N GLY C 159 -23.23 -25.52 -8.03
CA GLY C 159 -22.69 -25.46 -9.37
C GLY C 159 -21.27 -25.96 -9.47
N ALA C 160 -20.93 -26.48 -10.64
CA ALA C 160 -19.56 -26.85 -11.00
C ALA C 160 -19.20 -26.24 -12.38
N GLY D 3 -11.24 2.69 -20.07
CA GLY D 3 -10.76 2.98 -21.46
C GLY D 3 -11.59 2.28 -22.52
N SER D 4 -11.03 1.21 -23.10
CA SER D 4 -11.56 0.66 -24.33
C SER D 4 -12.59 -0.44 -24.09
N MET D 5 -13.35 -0.72 -25.14
CA MET D 5 -14.54 -1.54 -25.08
C MET D 5 -14.21 -3.04 -24.95
N PHE D 6 -15.10 -3.84 -24.36
CA PHE D 6 -14.98 -5.30 -24.51
C PHE D 6 -15.26 -5.67 -25.96
N ASN D 7 -14.67 -6.80 -26.36
CA ASN D 7 -14.84 -7.37 -27.68
C ASN D 7 -15.42 -8.74 -27.51
N VAL D 8 -16.51 -8.98 -28.23
CA VAL D 8 -17.12 -10.28 -28.39
C VAL D 8 -16.76 -10.83 -29.76
N VAL D 9 -16.34 -12.11 -29.80
CA VAL D 9 -15.91 -12.76 -31.02
C VAL D 9 -16.72 -14.04 -31.20
N LEU D 10 -17.57 -14.05 -32.24
CA LEU D 10 -18.32 -15.23 -32.61
C LEU D 10 -17.62 -15.88 -33.82
N VAL D 11 -17.12 -17.09 -33.58
CA VAL D 11 -16.42 -17.88 -34.58
C VAL D 11 -17.41 -18.81 -35.29
N GLU D 12 -17.56 -18.65 -36.60
CA GLU D 12 -18.43 -19.50 -37.41
C GLU D 12 -19.79 -19.79 -36.79
N PRO D 13 -20.52 -18.74 -36.37
CA PRO D 13 -21.84 -18.87 -35.76
C PRO D 13 -22.86 -19.36 -36.79
N GLU D 14 -23.90 -20.06 -36.34
CA GLU D 14 -24.80 -20.82 -37.20
C GLU D 14 -26.26 -20.33 -37.25
N ILE D 15 -26.74 -19.78 -36.13
CA ILE D 15 -28.16 -19.51 -35.94
C ILE D 15 -28.39 -17.99 -36.01
N PRO D 16 -29.07 -17.50 -37.06
CA PRO D 16 -29.23 -16.07 -37.22
C PRO D 16 -29.76 -15.31 -35.99
N PRO D 17 -30.89 -15.75 -35.39
CA PRO D 17 -31.41 -14.98 -34.27
C PRO D 17 -30.45 -14.80 -33.08
N ASN D 18 -29.55 -15.78 -32.87
CA ASN D 18 -28.49 -15.63 -31.87
C ASN D 18 -27.56 -14.48 -32.16
N THR D 19 -27.11 -14.38 -33.41
CA THR D 19 -26.20 -13.28 -33.80
C THR D 19 -26.93 -11.94 -33.72
N GLY D 20 -28.19 -11.92 -34.14
CA GLY D 20 -29.03 -10.74 -34.01
C GLY D 20 -29.18 -10.30 -32.56
N ASN D 21 -29.38 -11.26 -31.66
CA ASN D 21 -29.45 -10.94 -30.24
C ASN D 21 -28.10 -10.40 -29.68
N VAL D 22 -27.00 -11.00 -30.08
CA VAL D 22 -25.67 -10.52 -29.67
C VAL D 22 -25.33 -9.13 -30.24
N ILE D 23 -25.89 -8.77 -31.41
CA ILE D 23 -25.66 -7.42 -31.96
C ILE D 23 -26.37 -6.43 -31.05
N ARG D 24 -27.60 -6.75 -30.67
CA ARG D 24 -28.31 -5.89 -29.75
C ARG D 24 -27.59 -5.80 -28.39
N LEU D 25 -27.10 -6.91 -27.91
CA LEU D 25 -26.47 -6.91 -26.62
C LEU D 25 -25.18 -6.06 -26.63
N CYS D 26 -24.41 -6.21 -27.70
CA CYS D 26 -23.18 -5.42 -27.83
C CYS D 26 -23.48 -3.94 -27.87
N ALA D 27 -24.57 -3.53 -28.52
CA ALA D 27 -24.92 -2.11 -28.58
C ALA D 27 -25.39 -1.55 -27.24
N ASN D 28 -26.19 -2.35 -26.51
CA ASN D 28 -26.67 -1.96 -25.20
C ASN D 28 -25.56 -1.83 -24.17
N THR D 29 -24.45 -2.50 -24.38
CA THR D 29 -23.35 -2.51 -23.42
C THR D 29 -22.15 -1.76 -23.89
N GLY D 30 -22.10 -1.42 -25.18
CA GLY D 30 -20.91 -0.79 -25.77
C GLY D 30 -19.76 -1.73 -26.09
N ALA D 31 -20.03 -3.05 -26.23
CA ALA D 31 -19.00 -4.00 -26.62
C ALA D 31 -18.90 -4.07 -28.15
N ARG D 32 -17.69 -4.30 -28.66
CA ARG D 32 -17.47 -4.39 -30.11
C ARG D 32 -17.60 -5.86 -30.55
N LEU D 33 -18.30 -6.08 -31.67
CA LEU D 33 -18.62 -7.43 -32.10
C LEU D 33 -17.77 -7.85 -33.32
N HIS D 34 -17.15 -9.02 -33.24
CA HIS D 34 -16.37 -9.58 -34.37
C HIS D 34 -16.94 -10.94 -34.73
N LEU D 35 -17.18 -11.14 -36.01
CA LEU D 35 -17.61 -12.43 -36.56
C LEU D 35 -16.50 -13.03 -37.37
N ILE D 36 -16.28 -14.34 -37.23
CA ILE D 36 -15.28 -15.04 -38.04
C ILE D 36 -16.01 -15.95 -39.02
N GLU D 37 -15.77 -15.77 -40.31
CA GLU D 37 -16.35 -16.60 -41.34
C GLU D 37 -15.69 -17.98 -41.36
N PRO D 38 -16.36 -18.97 -41.98
CA PRO D 38 -17.67 -18.88 -42.64
C PRO D 38 -18.84 -18.81 -41.65
N LEU D 39 -19.78 -17.91 -41.91
CA LEU D 39 -21.01 -17.80 -41.10
C LEU D 39 -22.02 -18.82 -41.59
N GLY D 40 -23.06 -19.11 -40.79
CA GLY D 40 -24.05 -20.13 -41.17
C GLY D 40 -25.28 -19.54 -41.84
N PHE D 41 -25.22 -18.24 -42.13
CA PHE D 41 -26.34 -17.46 -42.66
C PHE D 41 -25.71 -16.34 -43.49
N PRO D 42 -26.53 -15.66 -44.30
CA PRO D 42 -26.07 -14.42 -44.94
C PRO D 42 -26.29 -13.29 -43.97
N LEU D 43 -25.58 -12.18 -44.16
CA LEU D 43 -25.70 -11.03 -43.28
C LEU D 43 -25.75 -9.74 -44.09
N GLY D 52 -34.89 -6.27 -36.16
CA GLY D 52 -35.10 -4.86 -35.83
C GLY D 52 -33.85 -4.09 -35.48
N LEU D 53 -32.83 -4.20 -36.32
CA LEU D 53 -31.51 -3.62 -36.03
C LEU D 53 -31.33 -2.26 -36.71
N ASP D 54 -30.82 -1.27 -35.97
CA ASP D 54 -30.47 0.04 -36.56
C ASP D 54 -29.18 -0.11 -37.36
N TYR D 55 -29.22 0.32 -38.61
CA TYR D 55 -28.04 0.32 -39.49
C TYR D 55 -26.76 0.59 -38.71
N HIS D 56 -26.79 1.65 -37.90
CA HIS D 56 -25.58 2.14 -37.24
C HIS D 56 -25.10 1.20 -36.15
N GLU D 57 -26.07 0.61 -35.46
CA GLU D 57 -25.82 -0.37 -34.41
C GLU D 57 -25.03 -1.57 -34.92
N TYR D 58 -25.23 -1.98 -36.17
CA TYR D 58 -24.48 -3.12 -36.73
C TYR D 58 -23.44 -2.76 -37.77
N ALA D 59 -23.51 -1.56 -38.33
CA ALA D 59 -22.46 -1.10 -39.25
C ALA D 59 -21.09 -1.18 -38.58
N GLN D 60 -21.06 -1.08 -37.25
CA GLN D 60 -19.80 -1.19 -36.46
C GLN D 60 -19.32 -2.65 -36.28
N MET D 61 -20.20 -3.62 -36.48
CA MET D 61 -19.79 -5.02 -36.49
C MET D 61 -18.60 -5.21 -37.45
N ARG D 62 -17.61 -5.98 -37.01
CA ARG D 62 -16.47 -6.29 -37.85
C ARG D 62 -16.58 -7.77 -38.22
N VAL D 63 -16.41 -8.08 -39.51
CA VAL D 63 -16.47 -9.44 -40.02
C VAL D 63 -15.09 -9.79 -40.62
N HIS D 64 -14.49 -10.88 -40.16
CA HIS D 64 -13.16 -11.30 -40.60
C HIS D 64 -13.24 -12.59 -41.40
N ARG D 65 -12.37 -12.74 -42.40
CA ARG D 65 -12.46 -13.86 -43.35
C ARG D 65 -12.12 -15.20 -42.72
N ASP D 66 -11.12 -15.19 -41.84
CA ASP D 66 -10.69 -16.37 -41.07
C ASP D 66 -10.01 -15.96 -39.75
N TRP D 67 -9.72 -16.94 -38.89
CA TRP D 67 -9.16 -16.65 -37.58
C TRP D 67 -7.82 -15.94 -37.69
N ASP D 68 -6.93 -16.44 -38.56
CA ASP D 68 -5.62 -15.83 -38.74
C ASP D 68 -5.71 -14.37 -39.20
N ALA D 69 -6.67 -14.07 -40.07
CA ALA D 69 -6.90 -12.67 -40.52
C ALA D 69 -7.46 -11.79 -39.40
N PHE D 70 -8.31 -12.35 -38.56
CA PHE D 70 -8.76 -11.64 -37.37
C PHE D 70 -7.55 -11.27 -36.50
N VAL D 71 -6.67 -12.24 -36.24
CA VAL D 71 -5.51 -12.00 -35.39
C VAL D 71 -4.61 -10.90 -35.94
N ALA D 72 -4.39 -10.89 -37.25
CA ALA D 72 -3.50 -9.89 -37.89
C ALA D 72 -4.07 -8.48 -37.87
N ALA D 73 -5.38 -8.37 -38.01
CA ALA D 73 -6.00 -7.06 -38.12
C ALA D 73 -6.21 -6.47 -36.73
N GLU D 74 -6.55 -7.30 -35.74
CA GLU D 74 -6.89 -6.75 -34.44
C GLU D 74 -5.77 -6.82 -33.40
N ALA D 75 -4.78 -7.65 -33.65
CA ALA D 75 -3.66 -7.88 -32.74
C ALA D 75 -4.13 -7.90 -31.31
N PRO D 76 -5.02 -8.86 -30.96
CA PRO D 76 -5.54 -8.92 -29.59
C PRO D 76 -4.43 -9.38 -28.65
N ASP D 77 -4.43 -8.94 -27.38
CA ASP D 77 -3.38 -9.40 -26.46
C ASP D 77 -3.75 -10.80 -26.07
N PRO D 78 -2.85 -11.78 -26.34
CA PRO D 78 -3.27 -13.18 -26.02
C PRO D 78 -3.62 -13.37 -24.51
N ALA D 79 -2.97 -12.62 -23.62
CA ALA D 79 -3.25 -12.73 -22.18
C ALA D 79 -4.62 -12.13 -21.77
N ARG D 80 -5.23 -11.39 -22.69
CA ARG D 80 -6.50 -10.77 -22.45
C ARG D 80 -7.58 -11.37 -23.35
N MET D 81 -7.33 -12.55 -23.91
CA MET D 81 -8.28 -13.22 -24.81
C MET D 81 -8.66 -14.57 -24.24
N PHE D 82 -9.97 -14.76 -24.10
CA PHE D 82 -10.56 -15.83 -23.28
C PHE D 82 -11.43 -16.67 -24.21
N ALA D 83 -11.15 -17.99 -24.26
CA ALA D 83 -11.86 -18.95 -25.11
C ALA D 83 -12.87 -19.65 -24.24
N PHE D 84 -14.12 -19.74 -24.72
CA PHE D 84 -15.16 -20.40 -23.97
C PHE D 84 -15.22 -21.84 -24.42
N THR D 85 -14.80 -22.70 -23.50
CA THR D 85 -14.74 -24.12 -23.77
C THR D 85 -14.85 -24.89 -22.47
N THR D 86 -15.28 -26.12 -22.58
CA THR D 86 -15.41 -26.97 -21.41
C THR D 86 -14.13 -27.80 -21.19
N ARG D 87 -13.17 -27.70 -22.12
CA ARG D 87 -11.99 -28.53 -22.09
C ARG D 87 -10.77 -27.79 -21.52
N GLY D 88 -10.28 -28.24 -20.38
CA GLY D 88 -9.17 -27.58 -19.70
C GLY D 88 -9.45 -26.18 -19.16
N SER D 89 -10.72 -25.86 -18.90
CA SER D 89 -11.10 -24.49 -18.56
C SER D 89 -11.33 -24.31 -17.08
N GLY D 90 -11.32 -23.06 -16.66
CA GLY D 90 -11.73 -22.67 -15.29
C GLY D 90 -13.07 -21.95 -15.33
N ARG D 91 -13.66 -21.75 -14.17
CA ARG D 91 -14.86 -20.93 -14.07
C ARG D 91 -14.55 -19.48 -14.55
N PHE D 92 -15.39 -18.96 -15.44
CA PHE D 92 -15.23 -17.63 -15.98
C PHE D 92 -15.07 -16.58 -14.86
N HIS D 93 -15.92 -16.69 -13.83
CA HIS D 93 -15.99 -15.71 -12.74
C HIS D 93 -14.76 -15.74 -11.83
N ASP D 94 -13.89 -16.75 -11.96
CA ASP D 94 -12.60 -16.78 -11.27
C ASP D 94 -11.63 -15.68 -11.69
N ARG D 95 -11.73 -15.22 -12.94
CA ARG D 95 -10.74 -14.35 -13.53
C ARG D 95 -11.14 -12.89 -13.37
N ALA D 96 -10.11 -12.06 -13.24
CA ALA D 96 -10.26 -10.65 -13.23
C ALA D 96 -10.17 -10.12 -14.66
N PHE D 97 -11.17 -9.38 -15.10
CA PHE D 97 -11.22 -8.86 -16.48
C PHE D 97 -10.93 -7.40 -16.52
N GLU D 98 -10.46 -6.99 -17.69
CA GLU D 98 -10.07 -5.64 -17.91
C GLU D 98 -10.77 -5.09 -19.15
N PRO D 99 -11.00 -3.77 -19.18
CA PRO D 99 -11.47 -3.06 -20.38
C PRO D 99 -10.63 -3.42 -21.61
N GLY D 100 -11.30 -3.73 -22.72
CA GLY D 100 -10.64 -4.16 -23.95
C GLY D 100 -10.39 -5.66 -24.04
N ASP D 101 -10.79 -6.43 -23.03
CA ASP D 101 -10.66 -7.90 -23.12
C ASP D 101 -11.47 -8.46 -24.27
N TRP D 102 -11.13 -9.69 -24.66
CA TRP D 102 -11.73 -10.38 -25.78
C TRP D 102 -12.29 -11.70 -25.30
N PHE D 103 -13.52 -11.99 -25.71
CA PHE D 103 -14.26 -13.15 -25.27
C PHE D 103 -14.70 -13.83 -26.53
N VAL D 104 -14.21 -15.07 -26.71
CA VAL D 104 -14.35 -15.82 -27.92
C VAL D 104 -15.23 -17.04 -27.71
N PHE D 105 -16.27 -17.14 -28.54
CA PHE D 105 -17.30 -18.16 -28.44
C PHE D 105 -17.39 -18.95 -29.73
N GLY D 106 -17.59 -20.26 -29.62
CA GLY D 106 -17.78 -21.09 -30.80
C GLY D 106 -19.23 -21.15 -31.23
N ALA D 107 -19.48 -21.87 -32.31
CA ALA D 107 -20.83 -22.11 -32.77
C ALA D 107 -21.63 -22.84 -31.69
N GLU D 108 -22.82 -22.27 -31.42
CA GLU D 108 -23.84 -22.83 -30.52
C GLU D 108 -23.89 -24.39 -30.48
N THR D 109 -23.77 -25.06 -31.61
CA THR D 109 -23.90 -26.53 -31.65
C THR D 109 -22.55 -27.28 -31.60
N ARG D 110 -21.52 -26.74 -32.25
CA ARG D 110 -20.24 -27.43 -32.41
C ARG D 110 -19.21 -27.08 -31.33
N GLY D 111 -19.31 -25.86 -30.81
CA GLY D 111 -18.30 -25.33 -29.92
C GLY D 111 -17.11 -24.86 -30.73
N LEU D 112 -16.08 -24.37 -30.03
CA LEU D 112 -14.86 -23.94 -30.69
C LEU D 112 -14.08 -25.14 -31.19
N ALA D 113 -13.53 -25.02 -32.39
CA ALA D 113 -12.75 -26.07 -32.99
C ALA D 113 -11.59 -26.47 -32.03
N PRO D 114 -11.25 -27.78 -31.96
CA PRO D 114 -10.14 -28.21 -31.12
C PRO D 114 -8.82 -27.50 -31.39
N ALA D 115 -8.46 -27.39 -32.68
CA ALA D 115 -7.24 -26.71 -33.08
C ALA D 115 -7.19 -25.28 -32.59
N LEU D 116 -8.35 -24.63 -32.51
CA LEU D 116 -8.43 -23.28 -32.02
C LEU D 116 -8.24 -23.22 -30.49
N VAL D 117 -8.95 -24.09 -29.77
CA VAL D 117 -8.80 -24.23 -28.32
C VAL D 117 -7.34 -24.48 -27.96
N ASP D 118 -6.67 -25.39 -28.69
CA ASP D 118 -5.24 -25.70 -28.41
C ASP D 118 -4.33 -24.49 -28.42
N ARG D 119 -4.72 -23.43 -29.13
CA ARG D 119 -3.96 -22.16 -29.09
C ARG D 119 -4.17 -21.35 -27.82
N PHE D 120 -5.15 -21.70 -26.99
CA PHE D 120 -5.34 -20.98 -25.74
C PHE D 120 -4.67 -21.68 -24.57
N ALA D 121 -3.96 -20.90 -23.74
CA ALA D 121 -3.44 -21.42 -22.49
C ALA D 121 -4.59 -21.70 -21.52
N PRO D 122 -4.41 -22.66 -20.61
CA PRO D 122 -5.54 -23.01 -19.76
C PRO D 122 -6.15 -21.84 -18.98
N GLU D 123 -5.29 -20.90 -18.54
CA GLU D 123 -5.71 -19.71 -17.82
C GLU D 123 -6.72 -18.90 -18.57
N GLN D 124 -6.60 -18.98 -19.87
CA GLN D 124 -7.44 -18.30 -20.82
C GLN D 124 -8.64 -19.14 -21.25
N ARG D 125 -8.78 -20.36 -20.74
CA ARG D 125 -9.96 -21.16 -21.04
C ARG D 125 -11.02 -21.01 -19.92
N VAL D 126 -12.25 -20.66 -20.29
CA VAL D 126 -13.30 -20.31 -19.32
C VAL D 126 -14.65 -20.94 -19.67
N ARG D 127 -15.49 -21.15 -18.67
CA ARG D 127 -16.85 -21.64 -18.88
C ARG D 127 -17.73 -21.11 -17.75
N LEU D 128 -19.02 -20.98 -18.02
CA LEU D 128 -19.91 -20.54 -16.96
C LEU D 128 -20.13 -21.70 -15.98
N PRO D 129 -20.23 -21.41 -14.70
CA PRO D 129 -20.69 -22.47 -13.80
C PRO D 129 -22.07 -22.99 -14.21
N MET D 130 -22.47 -24.15 -13.70
CA MET D 130 -23.76 -24.77 -14.01
C MET D 130 -23.95 -25.98 -13.09
N ARG D 131 -25.19 -26.36 -12.83
CA ARG D 131 -25.42 -27.57 -12.05
C ARG D 131 -25.00 -28.77 -12.89
N PRO D 132 -24.41 -29.79 -12.26
CA PRO D 132 -23.94 -31.01 -12.95
C PRO D 132 -24.94 -31.58 -13.95
N GLY D 133 -24.50 -31.77 -15.18
CA GLY D 133 -25.23 -32.56 -16.18
C GLY D 133 -26.29 -31.82 -17.00
N ASN D 134 -26.43 -30.51 -16.77
CA ASN D 134 -27.43 -29.72 -17.46
C ASN D 134 -26.92 -29.38 -18.87
N ARG D 135 -27.82 -28.85 -19.69
CA ARG D 135 -27.47 -28.46 -21.03
C ARG D 135 -26.88 -27.05 -20.99
N SER D 136 -26.05 -26.71 -21.96
CA SER D 136 -25.42 -25.43 -21.98
C SER D 136 -26.41 -24.31 -22.29
N LEU D 137 -26.12 -23.12 -21.81
CA LEU D 137 -26.99 -22.00 -22.12
C LEU D 137 -26.96 -21.63 -23.58
N ASN D 138 -28.08 -21.14 -24.08
CA ASN D 138 -28.12 -20.34 -25.28
C ASN D 138 -26.87 -19.42 -25.40
N LEU D 139 -26.38 -19.26 -26.61
CA LEU D 139 -25.19 -18.48 -26.88
C LEU D 139 -25.42 -17.01 -26.48
N SER D 140 -26.55 -16.45 -26.88
CA SER D 140 -26.88 -15.06 -26.54
C SER D 140 -26.91 -14.78 -25.03
N ASN D 141 -27.52 -15.68 -24.26
CA ASN D 141 -27.55 -15.53 -22.85
C ASN D 141 -26.12 -15.64 -22.28
N THR D 142 -25.32 -16.56 -22.81
CA THR D 142 -23.93 -16.70 -22.36
C THR D 142 -23.13 -15.41 -22.58
N VAL D 143 -23.29 -14.80 -23.76
CA VAL D 143 -22.57 -13.55 -24.05
C VAL D 143 -23.06 -12.42 -23.12
N ALA D 144 -24.38 -12.31 -22.92
CA ALA D 144 -24.92 -11.33 -21.95
C ALA D 144 -24.26 -11.51 -20.57
N VAL D 145 -24.23 -12.73 -20.06
CA VAL D 145 -23.72 -12.98 -18.71
C VAL D 145 -22.24 -12.55 -18.63
N VAL D 146 -21.50 -12.92 -19.65
CA VAL D 146 -20.07 -12.66 -19.75
C VAL D 146 -19.76 -11.17 -19.79
N VAL D 147 -20.42 -10.47 -20.72
CA VAL D 147 -20.18 -9.05 -20.87
C VAL D 147 -20.66 -8.28 -19.63
N PHE D 148 -21.80 -8.67 -19.06
CA PHE D 148 -22.25 -7.95 -17.85
C PHE D 148 -21.35 -8.13 -16.63
N GLU D 149 -20.74 -9.31 -16.49
CA GLU D 149 -19.81 -9.55 -15.37
C GLU D 149 -18.48 -8.85 -15.56
N ALA D 150 -17.95 -8.86 -16.79
CA ALA D 150 -16.73 -8.09 -17.06
C ALA D 150 -17.02 -6.66 -16.81
N TRP D 151 -18.19 -6.22 -17.25
CA TRP D 151 -18.60 -4.81 -17.01
C TRP D 151 -18.73 -4.46 -15.52
N ARG D 152 -19.41 -5.31 -14.74
CA ARG D 152 -19.52 -5.13 -13.29
C ARG D 152 -18.14 -4.95 -12.65
N GLN D 153 -17.16 -5.75 -13.07
CA GLN D 153 -15.81 -5.60 -12.53
C GLN D 153 -15.17 -4.25 -12.90
N ALA D 154 -15.64 -3.60 -13.96
CA ALA D 154 -15.21 -2.24 -14.29
C ALA D 154 -16.14 -1.20 -13.69
N GLY D 155 -16.90 -1.57 -12.67
CA GLY D 155 -17.86 -0.69 -12.08
C GLY D 155 -18.92 -0.17 -13.03
N PHE D 156 -19.20 -0.89 -14.12
CA PHE D 156 -20.22 -0.46 -15.07
C PHE D 156 -19.93 0.96 -15.58
N GLU D 157 -18.64 1.25 -15.81
CA GLU D 157 -18.24 2.53 -16.36
C GLU D 157 -18.90 2.82 -17.68
N GLY D 158 -19.48 4.01 -17.78
CA GLY D 158 -20.22 4.45 -18.98
C GLY D 158 -21.63 3.89 -19.08
N GLY D 159 -22.08 3.24 -18.00
CA GLY D 159 -23.39 2.59 -17.98
C GLY D 159 -24.25 3.17 -16.88
N ALA D 160 -25.55 3.27 -17.12
CA ALA D 160 -26.46 3.69 -16.10
C ALA D 160 -27.85 3.28 -16.55
N MET E 5 -32.81 23.64 20.61
CA MET E 5 -33.01 22.72 19.46
C MET E 5 -31.96 21.61 19.53
N PHE E 6 -30.82 21.87 18.89
CA PHE E 6 -29.71 20.94 18.84
C PHE E 6 -28.87 21.03 20.10
N ASN E 7 -28.12 19.97 20.38
CA ASN E 7 -27.17 19.89 21.50
C ASN E 7 -25.72 19.73 21.01
N VAL E 8 -24.85 20.62 21.49
CA VAL E 8 -23.41 20.54 21.28
C VAL E 8 -22.77 20.02 22.57
N VAL E 9 -22.00 18.95 22.46
CA VAL E 9 -21.29 18.39 23.60
C VAL E 9 -19.78 18.44 23.33
N LEU E 10 -19.08 19.20 24.18
CA LEU E 10 -17.61 19.30 24.09
C LEU E 10 -17.04 18.39 25.18
N VAL E 11 -16.28 17.39 24.76
CA VAL E 11 -15.65 16.44 25.67
C VAL E 11 -14.26 16.89 26.08
N GLU E 12 -14.12 17.35 27.33
CA GLU E 12 -12.85 17.69 27.94
C GLU E 12 -12.12 18.78 27.15
N PRO E 13 -12.83 19.87 26.83
CA PRO E 13 -12.21 20.91 26.03
C PRO E 13 -10.99 21.52 26.75
N GLU E 14 -9.95 21.82 25.99
CA GLU E 14 -8.64 22.22 26.53
C GLU E 14 -8.32 23.71 26.44
N ILE E 15 -8.79 24.38 25.39
CA ILE E 15 -8.37 25.79 25.15
C ILE E 15 -9.49 26.83 25.33
N PRO E 16 -9.35 27.68 26.35
CA PRO E 16 -10.45 28.61 26.69
C PRO E 16 -11.19 29.33 25.49
N PRO E 17 -10.47 29.97 24.53
CA PRO E 17 -11.12 30.64 23.39
C PRO E 17 -12.05 29.77 22.55
N ASN E 18 -11.70 28.49 22.33
CA ASN E 18 -12.57 27.61 21.60
C ASN E 18 -13.90 27.50 22.27
N THR E 19 -13.89 27.33 23.59
CA THR E 19 -15.12 27.17 24.34
C THR E 19 -15.84 28.53 24.41
N GLY E 20 -15.08 29.62 24.53
CA GLY E 20 -15.69 30.95 24.47
C GLY E 20 -16.47 31.09 23.16
N ASN E 21 -15.83 30.70 22.07
CA ASN E 21 -16.45 30.80 20.75
C ASN E 21 -17.70 29.95 20.61
N VAL E 22 -17.63 28.74 21.14
CA VAL E 22 -18.74 27.81 21.03
C VAL E 22 -19.95 28.28 21.87
N ILE E 23 -19.70 28.88 23.04
CA ILE E 23 -20.80 29.46 23.86
C ILE E 23 -21.62 30.49 23.06
N ARG E 24 -20.91 31.46 22.47
CA ARG E 24 -21.47 32.48 21.58
C ARG E 24 -22.21 31.88 20.37
N LEU E 25 -21.63 30.84 19.78
CA LEU E 25 -22.26 30.16 18.67
C LEU E 25 -23.62 29.55 19.08
N CYS E 26 -23.60 28.76 20.14
CA CYS E 26 -24.82 28.13 20.64
C CYS E 26 -25.89 29.17 20.98
N ALA E 27 -25.48 30.26 21.58
CA ALA E 27 -26.35 31.40 21.81
C ALA E 27 -26.98 31.94 20.51
N ASN E 28 -26.14 32.18 19.52
CA ASN E 28 -26.58 32.67 18.23
C ASN E 28 -27.58 31.79 17.51
N THR E 29 -27.40 30.47 17.63
CA THR E 29 -28.18 29.53 16.89
C THR E 29 -29.34 28.90 17.69
N GLY E 30 -29.28 28.97 19.02
CA GLY E 30 -30.28 28.29 19.87
C GLY E 30 -29.87 26.87 20.27
N ALA E 31 -28.61 26.49 20.07
CA ALA E 31 -28.16 25.18 20.48
C ALA E 31 -27.85 25.21 21.98
N ARG E 32 -28.06 24.09 22.63
CA ARG E 32 -27.77 23.95 24.05
C ARG E 32 -26.36 23.35 24.13
N LEU E 33 -25.50 23.97 24.94
CA LEU E 33 -24.12 23.51 25.13
C LEU E 33 -24.00 22.62 26.37
N HIS E 34 -23.27 21.51 26.21
CA HIS E 34 -22.91 20.65 27.32
C HIS E 34 -21.40 20.53 27.34
N LEU E 35 -20.80 20.72 28.51
CA LEU E 35 -19.36 20.52 28.69
C LEU E 35 -19.11 19.27 29.56
N ILE E 36 -18.24 18.38 29.10
CA ILE E 36 -17.87 17.22 29.91
C ILE E 36 -16.52 17.48 30.59
N GLU E 37 -16.52 17.46 31.92
CA GLU E 37 -15.29 17.60 32.71
C GLU E 37 -14.43 16.35 32.59
N PRO E 38 -13.11 16.48 32.84
CA PRO E 38 -12.39 17.69 33.24
C PRO E 38 -12.11 18.62 32.09
N LEU E 39 -12.34 19.90 32.32
CA LEU E 39 -12.03 20.97 31.38
C LEU E 39 -10.58 21.40 31.60
N GLY E 40 -9.93 21.95 30.59
CA GLY E 40 -8.52 22.40 30.71
C GLY E 40 -8.37 23.81 31.28
N PHE E 41 -9.46 24.35 31.83
CA PHE E 41 -9.50 25.72 32.32
C PHE E 41 -10.67 25.86 33.30
N PRO E 42 -10.60 26.85 34.20
CA PRO E 42 -11.73 27.08 35.11
C PRO E 42 -12.88 27.80 34.40
N LEU E 43 -14.08 27.57 34.90
CA LEU E 43 -15.29 28.15 34.34
C LEU E 43 -16.22 28.55 35.50
N ASP E 44 -16.53 29.84 35.60
CA ASP E 44 -17.57 30.34 36.49
C ASP E 44 -18.20 31.59 35.88
N ASP E 45 -19.30 32.05 36.48
CA ASP E 45 -20.02 33.27 36.05
C ASP E 45 -19.12 34.52 35.94
N ALA E 46 -18.26 34.74 36.93
CA ALA E 46 -17.37 35.92 36.96
C ALA E 46 -16.27 35.87 35.90
N LYS E 47 -15.75 34.67 35.65
CA LYS E 47 -14.72 34.47 34.63
C LYS E 47 -15.31 34.63 33.23
N MET E 48 -16.56 34.22 33.06
CA MET E 48 -17.21 34.31 31.74
C MET E 48 -17.61 35.76 31.43
N ARG E 49 -18.21 36.44 32.42
CA ARG E 49 -18.43 37.89 32.36
C ARG E 49 -17.12 38.60 32.02
N ARG E 50 -16.04 38.19 32.68
CA ARG E 50 -14.70 38.74 32.42
C ARG E 50 -14.29 38.65 30.95
N ALA E 51 -14.36 37.45 30.36
CA ALA E 51 -13.86 37.23 28.98
C ALA E 51 -14.79 37.74 27.88
N GLY E 52 -15.84 38.48 28.25
CA GLY E 52 -16.70 39.17 27.28
C GLY E 52 -18.07 38.56 27.01
N LEU E 53 -18.46 37.56 27.78
CA LEU E 53 -19.71 36.83 27.56
C LEU E 53 -20.85 37.38 28.42
N ASP E 54 -22.06 37.41 27.86
CA ASP E 54 -23.24 37.93 28.54
C ASP E 54 -24.04 36.76 29.15
N TYR E 55 -24.59 36.96 30.34
CA TYR E 55 -25.22 35.89 31.11
C TYR E 55 -26.27 35.06 30.37
N HIS E 56 -27.04 35.66 29.47
CA HIS E 56 -28.00 34.88 28.66
C HIS E 56 -27.30 33.84 27.76
N GLU E 57 -26.03 34.09 27.43
CA GLU E 57 -25.30 33.24 26.49
C GLU E 57 -24.93 31.90 27.13
N TYR E 58 -24.58 31.91 28.41
CA TYR E 58 -24.23 30.69 29.13
C TYR E 58 -25.24 30.23 30.20
N ALA E 59 -26.28 31.02 30.46
CA ALA E 59 -27.19 30.67 31.58
C ALA E 59 -27.61 29.20 31.56
N GLN E 60 -28.09 28.72 30.41
CA GLN E 60 -28.59 27.34 30.25
C GLN E 60 -27.52 26.31 29.83
N MET E 61 -26.25 26.72 29.77
CA MET E 61 -25.13 25.81 29.56
C MET E 61 -25.04 24.80 30.70
N ARG E 62 -24.76 23.55 30.38
CA ARG E 62 -24.65 22.51 31.40
C ARG E 62 -23.26 21.89 31.42
N VAL E 63 -22.72 21.71 32.60
CA VAL E 63 -21.40 21.13 32.78
C VAL E 63 -21.62 19.77 33.47
N HIS E 64 -21.05 18.68 32.93
CA HIS E 64 -21.22 17.36 33.54
C HIS E 64 -19.90 16.89 34.05
N ARG E 65 -19.90 16.16 35.16
CA ARG E 65 -18.64 15.78 35.82
C ARG E 65 -17.89 14.66 35.09
N ASP E 66 -18.62 13.85 34.34
CA ASP E 66 -18.01 12.95 33.40
C ASP E 66 -19.01 12.49 32.35
N TRP E 67 -18.51 11.68 31.44
CA TRP E 67 -19.31 11.24 30.30
C TRP E 67 -20.49 10.37 30.76
N ASP E 68 -20.23 9.43 31.66
CA ASP E 68 -21.31 8.62 32.21
C ASP E 68 -22.41 9.48 32.87
N ALA E 69 -22.03 10.59 33.48
CA ALA E 69 -22.98 11.44 34.19
C ALA E 69 -23.83 12.19 33.20
N PHE E 70 -23.18 12.58 32.12
CA PHE E 70 -23.87 13.17 30.99
C PHE E 70 -24.95 12.22 30.43
N VAL E 71 -24.62 10.94 30.26
CA VAL E 71 -25.56 9.98 29.67
C VAL E 71 -26.73 9.74 30.61
N ALA E 72 -26.44 9.49 31.89
CA ALA E 72 -27.47 9.27 32.89
C ALA E 72 -28.38 10.49 33.06
N ALA E 73 -27.82 11.68 32.92
CA ALA E 73 -28.57 12.93 33.13
C ALA E 73 -29.40 13.38 31.94
N GLU E 74 -28.93 13.08 30.72
CA GLU E 74 -29.60 13.53 29.51
C GLU E 74 -30.33 12.44 28.77
N ALA E 75 -29.87 11.20 28.90
CA ALA E 75 -30.53 10.04 28.29
C ALA E 75 -30.65 10.19 26.79
N PRO E 76 -29.56 10.55 26.12
CA PRO E 76 -29.61 10.82 24.70
C PRO E 76 -29.94 9.62 23.84
N ASP E 77 -30.76 9.81 22.81
CA ASP E 77 -31.08 8.76 21.85
C ASP E 77 -29.86 8.41 20.98
N PRO E 78 -29.34 7.17 21.11
CA PRO E 78 -28.10 6.77 20.43
C PRO E 78 -28.16 6.93 18.91
N ALA E 79 -29.33 6.70 18.32
CA ALA E 79 -29.53 6.91 16.87
C ALA E 79 -29.32 8.34 16.42
N ARG E 80 -29.52 9.31 17.33
CA ARG E 80 -29.38 10.76 16.99
C ARG E 80 -28.16 11.42 17.65
N MET E 81 -27.16 10.62 18.03
CA MET E 81 -25.90 11.14 18.54
C MET E 81 -24.78 10.91 17.53
N PHE E 82 -24.02 11.97 17.29
CA PHE E 82 -23.01 11.98 16.27
C PHE E 82 -21.69 12.39 16.87
N ALA E 83 -20.69 11.52 16.71
CA ALA E 83 -19.33 11.79 17.14
C ALA E 83 -18.57 12.36 15.93
N PHE E 84 -18.11 13.61 16.03
CA PHE E 84 -17.41 14.29 14.92
C PHE E 84 -15.95 14.01 15.10
N THR E 85 -15.36 13.35 14.11
CA THR E 85 -13.96 12.90 14.17
C THR E 85 -13.42 12.74 12.74
N THR E 86 -12.17 13.17 12.57
CA THR E 86 -11.47 13.05 11.30
C THR E 86 -11.27 11.58 10.94
N ARG E 87 -11.53 10.69 11.91
CA ARG E 87 -11.41 9.25 11.70
C ARG E 87 -12.71 8.59 11.26
N GLY E 88 -13.78 9.35 11.08
CA GLY E 88 -15.09 8.77 10.77
C GLY E 88 -15.20 8.44 9.30
N SER E 89 -15.96 7.39 9.03
CA SER E 89 -16.38 7.05 7.69
C SER E 89 -17.79 7.57 7.40
N GLY E 90 -18.54 7.97 8.41
CA GLY E 90 -19.77 8.73 8.18
C GLY E 90 -19.49 10.04 7.45
N ARG E 91 -20.33 10.32 6.45
CA ARG E 91 -20.17 11.47 5.57
C ARG E 91 -20.94 12.66 6.13
N PHE E 92 -20.29 13.81 6.21
CA PHE E 92 -20.99 15.05 6.50
C PHE E 92 -22.06 15.28 5.42
N HIS E 93 -21.67 15.21 4.16
CA HIS E 93 -22.55 15.50 3.02
C HIS E 93 -23.87 14.69 2.99
N ASP E 94 -23.79 13.43 3.39
CA ASP E 94 -24.96 12.54 3.37
C ASP E 94 -25.99 12.81 4.48
N ARG E 95 -25.71 13.71 5.42
CA ARG E 95 -26.39 13.62 6.71
C ARG E 95 -27.63 14.50 6.96
N ALA E 96 -28.73 13.83 7.27
CA ALA E 96 -29.91 14.52 7.75
C ALA E 96 -29.77 14.83 9.24
N PHE E 97 -29.84 16.10 9.64
CA PHE E 97 -29.88 16.43 11.08
C PHE E 97 -31.27 16.90 11.47
N GLU E 98 -31.62 16.66 12.73
CA GLU E 98 -32.95 16.90 13.25
C GLU E 98 -32.88 17.57 14.62
N PRO E 99 -33.84 18.47 14.90
CA PRO E 99 -33.93 19.07 16.21
C PRO E 99 -33.79 18.03 17.36
N GLY E 100 -32.97 18.37 18.36
CA GLY E 100 -32.68 17.46 19.47
C GLY E 100 -31.49 16.55 19.24
N ASP E 101 -30.83 16.66 18.10
CA ASP E 101 -29.68 15.80 17.82
C ASP E 101 -28.56 16.18 18.80
N TRP E 102 -27.62 15.24 18.96
CA TRP E 102 -26.46 15.44 19.81
C TRP E 102 -25.25 15.45 18.94
N PHE E 103 -24.56 16.59 18.92
CA PHE E 103 -23.29 16.77 18.25
C PHE E 103 -22.12 16.76 19.24
N VAL E 104 -21.32 15.68 19.17
CA VAL E 104 -20.22 15.43 20.08
C VAL E 104 -18.83 15.72 19.45
N PHE E 105 -18.00 16.44 20.20
CA PHE E 105 -16.74 16.99 19.73
C PHE E 105 -15.66 16.66 20.72
N GLY E 106 -14.47 16.37 20.21
CA GLY E 106 -13.32 16.04 21.05
C GLY E 106 -12.45 17.21 21.39
N ALA E 107 -11.41 16.91 22.18
CA ALA E 107 -10.44 17.90 22.64
C ALA E 107 -9.37 18.23 21.58
N GLU E 108 -8.81 19.42 21.73
CA GLU E 108 -7.96 20.04 20.71
C GLU E 108 -6.69 19.25 20.36
N THR E 109 -6.06 18.64 21.36
CA THR E 109 -4.76 18.04 21.13
C THR E 109 -4.90 16.67 20.48
N ARG E 110 -5.81 15.85 20.98
CA ARG E 110 -5.92 14.46 20.50
C ARG E 110 -7.30 14.05 20.04
N GLY E 111 -8.30 14.93 20.12
CA GLY E 111 -9.63 14.56 19.68
C GLY E 111 -10.32 13.58 20.62
N LEU E 112 -11.45 13.04 20.17
CA LEU E 112 -12.20 12.07 20.99
C LEU E 112 -11.38 10.83 21.38
N ALA E 113 -11.44 10.42 22.64
CA ALA E 113 -10.85 9.14 23.06
C ALA E 113 -11.40 8.01 22.17
N PRO E 114 -10.50 7.18 21.62
CA PRO E 114 -10.85 6.01 20.83
C PRO E 114 -11.90 5.11 21.51
N ALA E 115 -11.83 4.94 22.83
CA ALA E 115 -12.87 4.16 23.56
C ALA E 115 -14.25 4.78 23.44
N LEU E 116 -14.30 6.11 23.44
CA LEU E 116 -15.59 6.78 23.31
C LEU E 116 -16.18 6.66 21.89
N VAL E 117 -15.31 6.82 20.88
CA VAL E 117 -15.69 6.73 19.49
C VAL E 117 -16.24 5.34 19.17
N ASP E 118 -15.56 4.33 19.70
CA ASP E 118 -16.05 2.94 19.66
C ASP E 118 -17.48 2.69 20.08
N ARG E 119 -18.03 3.55 20.93
CA ARG E 119 -19.40 3.33 21.39
C ARG E 119 -20.46 3.81 20.38
N PHE E 120 -20.05 4.68 19.46
CA PHE E 120 -20.93 5.15 18.39
C PHE E 120 -20.85 4.14 17.24
N ALA E 121 -21.98 3.82 16.61
CA ALA E 121 -21.93 3.03 15.38
C ALA E 121 -21.07 3.74 14.31
N PRO E 122 -20.34 2.95 13.51
CA PRO E 122 -19.49 3.58 12.49
C PRO E 122 -20.15 4.67 11.62
N GLU E 123 -21.45 4.55 11.34
CA GLU E 123 -22.15 5.53 10.49
C GLU E 123 -22.48 6.80 11.28
N GLN E 124 -22.38 6.72 12.60
CA GLN E 124 -22.53 7.87 13.49
C GLN E 124 -21.24 8.60 13.74
N ARG E 125 -20.13 8.12 13.17
CA ARG E 125 -18.88 8.85 13.37
C ARG E 125 -18.60 9.64 12.11
N VAL E 126 -18.69 10.95 12.22
CA VAL E 126 -18.81 11.81 11.03
C VAL E 126 -17.63 12.72 10.86
N ARG E 127 -17.11 12.74 9.65
CA ARG E 127 -15.93 13.51 9.27
C ARG E 127 -16.38 14.63 8.35
N LEU E 128 -16.08 15.87 8.70
CA LEU E 128 -16.32 16.97 7.78
C LEU E 128 -15.21 16.93 6.75
N PRO E 129 -15.56 17.16 5.51
CA PRO E 129 -14.55 17.03 4.47
C PRO E 129 -13.43 18.07 4.54
N MET E 130 -12.25 17.67 4.15
CA MET E 130 -11.16 18.61 4.03
C MET E 130 -10.30 18.29 2.80
N ARG E 131 -9.46 19.25 2.43
CA ARG E 131 -8.44 19.01 1.43
CA ARG E 131 -8.44 19.01 1.43
C ARG E 131 -7.53 17.87 1.91
N PRO E 132 -6.96 17.09 0.98
CA PRO E 132 -6.24 15.86 1.36
C PRO E 132 -5.04 16.11 2.31
N GLY E 133 -4.85 15.25 3.29
CA GLY E 133 -3.64 15.30 4.09
C GLY E 133 -3.92 15.14 5.56
N ASN E 134 -2.86 15.20 6.36
CA ASN E 134 -3.03 15.01 7.79
C ASN E 134 -3.40 16.37 8.42
N ARG E 135 -4.70 16.62 8.51
CA ARG E 135 -5.20 17.91 8.92
C ARG E 135 -6.33 17.71 9.90
N SER E 136 -6.73 18.77 10.57
CA SER E 136 -7.96 18.80 11.32
C SER E 136 -8.39 20.22 11.38
N LEU E 137 -9.69 20.46 11.55
CA LEU E 137 -10.25 21.77 11.65
C LEU E 137 -10.06 22.19 13.07
N ASN E 138 -10.05 23.50 13.32
CA ASN E 138 -10.20 24.06 14.66
C ASN E 138 -11.51 23.58 15.28
N LEU E 139 -11.47 23.35 16.58
CA LEU E 139 -12.64 22.85 17.30
C LEU E 139 -13.86 23.72 17.10
N SER E 140 -13.75 25.01 17.42
CA SER E 140 -14.90 25.88 17.43
C SER E 140 -15.44 26.02 16.02
N ASN E 141 -14.55 25.96 15.02
CA ASN E 141 -14.93 26.13 13.63
C ASN E 141 -15.79 24.96 13.21
N THR E 142 -15.39 23.75 13.64
CA THR E 142 -16.08 22.55 13.35
C THR E 142 -17.47 22.64 13.92
N VAL E 143 -17.55 23.07 15.16
CA VAL E 143 -18.86 23.15 15.81
C VAL E 143 -19.82 24.08 15.09
N ALA E 144 -19.30 25.26 14.71
CA ALA E 144 -20.04 26.29 13.95
C ALA E 144 -20.60 25.77 12.63
N VAL E 145 -19.79 25.00 11.92
CA VAL E 145 -20.18 24.45 10.62
C VAL E 145 -21.29 23.44 10.77
N VAL E 146 -21.15 22.53 11.74
CA VAL E 146 -22.17 21.51 12.00
C VAL E 146 -23.50 22.17 12.42
N VAL E 147 -23.41 23.08 13.39
CA VAL E 147 -24.63 23.74 13.87
C VAL E 147 -25.34 24.56 12.78
N PHE E 148 -24.59 25.31 11.97
CA PHE E 148 -25.19 26.08 10.91
C PHE E 148 -25.79 25.20 9.83
N GLU E 149 -25.18 24.03 9.55
CA GLU E 149 -25.72 23.13 8.54
C GLU E 149 -26.99 22.49 9.07
N ALA E 150 -26.96 21.98 10.31
CA ALA E 150 -28.19 21.49 10.92
C ALA E 150 -29.29 22.55 10.94
N TRP E 151 -28.91 23.79 11.23
CA TRP E 151 -29.90 24.85 11.39
C TRP E 151 -30.49 25.10 10.01
N ARG E 152 -29.61 25.09 8.99
CA ARG E 152 -30.07 25.23 7.61
C ARG E 152 -31.14 24.19 7.24
N GLN E 153 -30.94 22.93 7.62
CA GLN E 153 -31.97 21.87 7.32
C GLN E 153 -33.29 22.13 8.04
N ALA E 154 -33.25 22.87 9.14
CA ALA E 154 -34.43 23.30 9.86
C ALA E 154 -34.86 24.71 9.41
N GLY E 155 -34.38 25.16 8.26
CA GLY E 155 -34.82 26.44 7.72
C GLY E 155 -34.52 27.62 8.62
N PHE E 156 -33.48 27.53 9.46
CA PHE E 156 -33.14 28.62 10.40
C PHE E 156 -34.28 29.09 11.29
N GLU E 157 -35.11 28.14 11.71
CA GLU E 157 -36.22 28.44 12.64
C GLU E 157 -35.72 29.27 13.80
N GLY E 158 -36.41 30.38 14.06
CA GLY E 158 -36.07 31.27 15.16
C GLY E 158 -35.02 32.26 14.75
N GLY E 159 -34.46 32.11 13.56
CA GLY E 159 -33.39 32.97 13.11
C GLY E 159 -33.93 34.22 12.45
N ALA E 160 -33.20 35.31 12.58
CA ALA E 160 -33.40 36.50 11.77
C ALA E 160 -32.06 36.87 11.12
N GLY F 3 -13.99 24.21 -9.97
CA GLY F 3 -13.13 25.16 -10.75
C GLY F 3 -12.19 25.91 -9.83
N SER F 4 -12.21 27.24 -9.91
CA SER F 4 -11.37 28.07 -9.06
C SER F 4 -11.73 27.88 -7.59
N MET F 5 -10.75 28.14 -6.72
CA MET F 5 -10.94 28.07 -5.29
C MET F 5 -11.73 29.29 -4.83
N PHE F 6 -12.40 29.18 -3.69
CA PHE F 6 -13.01 30.35 -3.08
C PHE F 6 -11.93 31.30 -2.59
N ASN F 7 -12.25 32.59 -2.52
CA ASN F 7 -11.34 33.59 -1.98
C ASN F 7 -11.91 34.15 -0.73
N VAL F 8 -11.08 34.25 0.31
CA VAL F 8 -11.44 34.94 1.51
C VAL F 8 -10.65 36.24 1.59
N VAL F 9 -11.34 37.36 1.78
CA VAL F 9 -10.71 38.67 1.90
C VAL F 9 -10.97 39.30 3.28
N LEU F 10 -9.89 39.46 4.04
CA LEU F 10 -9.95 40.16 5.31
C LEU F 10 -9.42 41.58 5.10
N VAL F 11 -10.28 42.55 5.37
CA VAL F 11 -9.95 43.97 5.20
C VAL F 11 -9.47 44.52 6.52
N GLU F 12 -8.22 44.93 6.57
CA GLU F 12 -7.62 45.50 7.76
C GLU F 12 -7.92 44.68 8.99
N PRO F 13 -7.61 43.36 8.96
CA PRO F 13 -7.81 42.55 10.17
C PRO F 13 -7.01 43.11 11.37
N GLU F 14 -7.59 43.03 12.57
CA GLU F 14 -7.00 43.65 13.77
C GLU F 14 -6.29 42.65 14.71
N ILE F 15 -6.92 41.50 14.94
CA ILE F 15 -6.55 40.55 16.02
C ILE F 15 -5.77 39.35 15.46
N PRO F 16 -4.50 39.19 15.83
CA PRO F 16 -3.67 38.14 15.19
C PRO F 16 -4.19 36.70 15.22
N PRO F 17 -4.66 36.21 16.37
CA PRO F 17 -5.20 34.83 16.39
C PRO F 17 -6.35 34.54 15.42
N ASN F 18 -7.18 35.52 15.10
CA ASN F 18 -8.26 35.30 14.13
C ASN F 18 -7.69 35.05 12.74
N THR F 19 -6.74 35.89 12.33
CA THR F 19 -6.04 35.68 11.06
C THR F 19 -5.26 34.39 11.08
N GLY F 20 -4.59 34.06 12.16
CA GLY F 20 -3.95 32.73 12.28
C GLY F 20 -4.95 31.62 11.99
N ASN F 21 -6.12 31.71 12.63
CA ASN F 21 -7.13 30.67 12.48
C ASN F 21 -7.70 30.68 11.07
N VAL F 22 -7.95 31.86 10.53
CA VAL F 22 -8.40 31.94 9.15
C VAL F 22 -7.42 31.31 8.16
N ILE F 23 -6.11 31.52 8.37
CA ILE F 23 -5.09 30.93 7.51
C ILE F 23 -5.23 29.38 7.51
N ARG F 24 -5.41 28.80 8.70
CA ARG F 24 -5.56 27.34 8.84
C ARG F 24 -6.85 26.87 8.13
N LEU F 25 -7.92 27.63 8.29
CA LEU F 25 -9.21 27.25 7.71
C LEU F 25 -9.10 27.22 6.17
N CYS F 26 -8.42 28.23 5.64
CA CYS F 26 -8.18 28.32 4.20
C CYS F 26 -7.34 27.17 3.67
N ALA F 27 -6.31 26.77 4.42
CA ALA F 27 -5.54 25.59 4.03
C ALA F 27 -6.39 24.35 4.08
N ASN F 28 -7.22 24.18 5.12
CA ASN F 28 -8.09 23.00 5.24
C ASN F 28 -9.18 22.87 4.18
N THR F 29 -9.58 23.99 3.59
CA THR F 29 -10.64 24.01 2.61
C THR F 29 -10.19 24.35 1.20
N GLY F 30 -8.94 24.72 1.04
CA GLY F 30 -8.43 25.09 -0.28
C GLY F 30 -8.83 26.50 -0.71
N ALA F 31 -9.22 27.36 0.22
CA ALA F 31 -9.55 28.75 -0.14
C ALA F 31 -8.33 29.56 -0.21
N ARG F 32 -8.32 30.56 -1.08
CA ARG F 32 -7.17 31.48 -1.16
C ARG F 32 -7.50 32.63 -0.22
N LEU F 33 -6.49 33.10 0.52
CA LEU F 33 -6.67 34.14 1.49
C LEU F 33 -5.98 35.42 1.04
N HIS F 34 -6.70 36.54 1.12
CA HIS F 34 -6.17 37.87 0.79
C HIS F 34 -6.30 38.77 2.01
N LEU F 35 -5.23 39.47 2.36
CA LEU F 35 -5.31 40.48 3.41
C LEU F 35 -5.18 41.86 2.80
N ILE F 36 -5.97 42.80 3.30
CA ILE F 36 -5.83 44.20 2.92
C ILE F 36 -5.29 45.04 4.07
N GLU F 37 -4.18 45.73 3.79
CA GLU F 37 -3.54 46.64 4.74
C GLU F 37 -4.35 47.94 4.98
N PRO F 38 -4.07 48.67 6.09
CA PRO F 38 -3.18 48.31 7.19
C PRO F 38 -3.72 47.15 8.08
N LEU F 39 -2.80 46.25 8.42
CA LEU F 39 -3.05 45.17 9.36
C LEU F 39 -2.75 45.67 10.75
N GLY F 40 -3.30 45.01 11.77
CA GLY F 40 -3.04 45.40 13.15
C GLY F 40 -2.03 44.52 13.85
N PHE F 41 -1.12 43.93 13.08
CA PHE F 41 -0.11 42.98 13.58
C PHE F 41 0.89 42.76 12.44
N PRO F 42 2.16 42.50 12.79
CA PRO F 42 3.16 42.22 11.76
C PRO F 42 3.00 40.81 11.23
N LEU F 43 3.62 40.52 10.10
CA LEU F 43 3.62 39.17 9.56
C LEU F 43 5.04 38.64 9.45
N ASP F 44 5.87 38.86 10.49
CA ASP F 44 7.22 38.32 10.47
C ASP F 44 7.16 36.81 10.23
N ASP F 45 7.76 36.34 9.13
CA ASP F 45 7.76 34.91 8.79
C ASP F 45 8.45 34.09 9.90
N ALA F 46 9.44 34.72 10.54
CA ALA F 46 10.09 34.19 11.75
C ALA F 46 9.16 34.23 12.98
N LYS F 47 8.33 35.27 13.06
CA LYS F 47 7.28 35.38 14.10
C LYS F 47 6.08 34.44 13.84
N MET F 48 5.75 34.20 12.57
CA MET F 48 4.66 33.28 12.20
C MET F 48 5.07 31.82 12.35
N ARG F 49 6.35 31.52 12.09
CA ARG F 49 6.92 30.20 12.34
C ARG F 49 6.81 29.87 13.82
N ARG F 50 7.22 30.85 14.64
CA ARG F 50 7.14 30.75 16.11
C ARG F 50 5.68 30.55 16.60
N ALA F 51 4.73 31.08 15.85
CA ALA F 51 3.30 30.91 16.16
C ALA F 51 2.73 29.53 15.78
N GLY F 52 3.55 28.67 15.18
CA GLY F 52 3.12 27.33 14.78
C GLY F 52 2.33 27.33 13.47
N LEU F 53 2.89 28.02 12.46
CA LEU F 53 2.35 28.03 11.09
C LEU F 53 3.47 27.74 10.09
N ASP F 54 3.35 26.63 9.35
CA ASP F 54 4.34 26.28 8.35
C ASP F 54 4.41 27.35 7.26
N TYR F 55 5.59 27.56 6.66
CA TYR F 55 5.71 28.54 5.58
C TYR F 55 4.76 28.19 4.41
N HIS F 56 4.62 26.90 4.13
CA HIS F 56 3.80 26.44 3.03
C HIS F 56 2.33 26.78 3.22
N GLU F 57 1.91 27.01 4.46
CA GLU F 57 0.50 27.25 4.78
C GLU F 57 0.03 28.62 4.37
N TYR F 58 0.92 29.60 4.49
CA TYR F 58 0.55 30.99 4.33
C TYR F 58 1.32 31.70 3.22
N ALA F 59 2.24 31.01 2.55
CA ALA F 59 3.10 31.64 1.58
C ALA F 59 2.29 32.10 0.40
N GLN F 60 1.23 31.36 0.06
CA GLN F 60 0.30 31.77 -1.01
C GLN F 60 -0.65 32.90 -0.61
N MET F 61 -0.74 33.25 0.68
CA MET F 61 -1.60 34.38 1.10
C MET F 61 -1.18 35.70 0.44
N ARG F 62 -2.11 36.34 -0.25
CA ARG F 62 -1.81 37.61 -0.86
C ARG F 62 -2.10 38.78 0.12
N VAL F 63 -1.13 39.68 0.25
CA VAL F 63 -1.29 40.90 1.03
C VAL F 63 -1.30 42.05 0.03
N HIS F 64 -2.26 42.95 0.20
CA HIS F 64 -2.50 44.05 -0.70
C HIS F 64 -2.37 45.37 0.05
N ARG F 65 -1.84 46.40 -0.62
CA ARG F 65 -1.59 47.71 -0.02
C ARG F 65 -2.87 48.43 0.39
N ASP F 66 -3.93 48.30 -0.40
CA ASP F 66 -5.21 48.94 -0.13
C ASP F 66 -6.30 48.32 -0.99
N TRP F 67 -7.54 48.71 -0.76
CA TRP F 67 -8.62 48.10 -1.51
C TRP F 67 -8.42 48.22 -3.02
N ASP F 68 -7.94 49.38 -3.49
CA ASP F 68 -7.86 49.63 -4.93
C ASP F 68 -6.81 48.75 -5.57
N ALA F 69 -5.70 48.55 -4.88
CA ALA F 69 -4.62 47.73 -5.41
C ALA F 69 -5.03 46.28 -5.49
N PHE F 70 -5.93 45.87 -4.59
CA PHE F 70 -6.47 44.53 -4.61
C PHE F 70 -7.36 44.35 -5.84
N VAL F 71 -8.25 45.30 -6.11
CA VAL F 71 -9.14 45.18 -7.27
C VAL F 71 -8.32 45.07 -8.54
N ALA F 72 -7.36 45.98 -8.68
CA ALA F 72 -6.44 46.04 -9.84
C ALA F 72 -5.67 44.72 -10.05
N ALA F 73 -5.07 44.23 -8.97
CA ALA F 73 -4.27 43.01 -9.01
C ALA F 73 -5.12 41.77 -9.31
N GLU F 74 -6.30 41.71 -8.72
CA GLU F 74 -7.09 40.48 -8.77
C GLU F 74 -8.32 40.51 -9.70
N ALA F 75 -8.75 41.70 -10.09
CA ALA F 75 -9.92 41.86 -10.99
C ALA F 75 -11.08 40.94 -10.61
N PRO F 76 -11.53 41.02 -9.33
CA PRO F 76 -12.65 40.16 -8.95
C PRO F 76 -13.92 40.51 -9.72
N ASP F 77 -14.72 39.52 -10.08
CA ASP F 77 -16.01 39.81 -10.67
C ASP F 77 -16.96 40.35 -9.60
N PRO F 78 -17.40 41.62 -9.71
CA PRO F 78 -18.31 42.25 -8.72
C PRO F 78 -19.60 41.47 -8.44
N ALA F 79 -20.10 40.77 -9.45
CA ALA F 79 -21.26 39.91 -9.28
C ALA F 79 -20.94 38.63 -8.47
N ARG F 80 -19.66 38.33 -8.29
CA ARG F 80 -19.26 37.13 -7.51
C ARG F 80 -18.51 37.49 -6.23
N MET F 81 -18.60 38.75 -5.83
CA MET F 81 -17.95 39.25 -4.62
C MET F 81 -19.01 39.64 -3.61
N PHE F 82 -18.93 39.09 -2.40
CA PHE F 82 -19.92 39.26 -1.38
C PHE F 82 -19.31 39.89 -0.14
N ALA F 83 -20.03 40.89 0.41
CA ALA F 83 -19.59 41.71 1.52
C ALA F 83 -20.43 41.36 2.77
N PHE F 84 -19.75 41.14 3.90
CA PHE F 84 -20.48 40.79 5.11
C PHE F 84 -20.78 42.01 5.92
N THR F 85 -22.05 42.38 5.94
CA THR F 85 -22.50 43.57 6.63
C THR F 85 -23.96 43.35 7.02
N THR F 86 -24.39 44.04 8.08
CA THR F 86 -25.81 44.08 8.40
C THR F 86 -26.56 45.12 7.57
N ARG F 87 -25.85 45.99 6.84
CA ARG F 87 -26.53 47.12 6.20
C ARG F 87 -27.01 46.83 4.76
N GLY F 88 -28.31 46.69 4.59
CA GLY F 88 -28.90 46.45 3.28
C GLY F 88 -28.59 45.05 2.74
N SER F 89 -28.37 44.12 3.64
CA SER F 89 -27.90 42.78 3.26
C SER F 89 -29.05 41.77 3.33
N GLY F 90 -28.85 40.64 2.67
CA GLY F 90 -29.72 39.47 2.80
C GLY F 90 -29.01 38.37 3.56
N ARG F 91 -29.75 37.32 3.86
CA ARG F 91 -29.16 36.14 4.47
C ARG F 91 -28.17 35.46 3.52
N PHE F 92 -26.98 35.13 4.05
CA PHE F 92 -25.91 34.51 3.30
C PHE F 92 -26.45 33.29 2.56
N HIS F 93 -27.20 32.48 3.30
CA HIS F 93 -27.69 31.18 2.83
C HIS F 93 -28.74 31.26 1.73
N ASP F 94 -29.28 32.45 1.47
CA ASP F 94 -30.20 32.64 0.35
C ASP F 94 -29.48 32.64 -1.02
N ARG F 95 -28.19 32.95 -1.08
CA ARG F 95 -27.48 33.02 -2.39
C ARG F 95 -26.88 31.69 -2.82
N ALA F 96 -26.90 31.47 -4.15
CA ALA F 96 -26.18 30.38 -4.80
C ALA F 96 -24.73 30.83 -5.11
N PHE F 97 -23.77 30.17 -4.51
CA PHE F 97 -22.38 30.52 -4.69
C PHE F 97 -21.76 29.60 -5.68
N GLU F 98 -20.68 30.07 -6.30
CA GLU F 98 -20.02 29.37 -7.40
C GLU F 98 -18.53 29.29 -7.08
N PRO F 99 -17.84 28.28 -7.60
CA PRO F 99 -16.41 28.25 -7.46
C PRO F 99 -15.73 29.54 -7.93
N GLY F 100 -14.71 29.98 -7.20
CA GLY F 100 -14.06 31.23 -7.47
C GLY F 100 -14.68 32.45 -6.83
N ASP F 101 -15.74 32.29 -6.01
CA ASP F 101 -16.38 33.46 -5.37
C ASP F 101 -15.49 34.14 -4.35
N TRP F 102 -15.81 35.39 -4.04
CA TRP F 102 -15.04 36.19 -3.11
C TRP F 102 -15.93 36.56 -1.93
N PHE F 103 -15.41 36.38 -0.73
CA PHE F 103 -16.15 36.65 0.51
C PHE F 103 -15.31 37.61 1.33
N VAL F 104 -15.86 38.81 1.54
CA VAL F 104 -15.12 39.95 2.02
C VAL F 104 -15.64 40.33 3.41
N PHE F 105 -14.70 40.39 4.37
CA PHE F 105 -14.99 40.54 5.78
C PHE F 105 -14.22 41.73 6.33
N GLY F 106 -14.86 42.50 7.21
CA GLY F 106 -14.18 43.58 7.91
C GLY F 106 -13.52 43.06 9.18
N ALA F 107 -12.90 43.95 9.94
CA ALA F 107 -12.32 43.58 11.23
C ALA F 107 -13.44 43.22 12.19
N GLU F 108 -13.18 42.30 13.11
CA GLU F 108 -14.21 41.83 14.03
C GLU F 108 -14.87 42.98 14.83
N THR F 109 -14.09 43.94 15.31
CA THR F 109 -14.66 45.07 16.06
C THR F 109 -15.38 46.08 15.14
N ARG F 110 -14.75 46.42 14.01
CA ARG F 110 -15.18 47.55 13.17
C ARG F 110 -16.15 47.18 12.02
N GLY F 111 -16.12 45.94 11.56
CA GLY F 111 -16.84 45.57 10.33
C GLY F 111 -16.29 46.37 9.16
N LEU F 112 -16.95 46.28 8.02
CA LEU F 112 -16.46 46.88 6.80
C LEU F 112 -16.68 48.38 6.84
N ALA F 113 -15.76 49.13 6.27
CA ALA F 113 -15.93 50.57 6.14
C ALA F 113 -17.21 50.90 5.33
N PRO F 114 -18.00 51.88 5.80
CA PRO F 114 -19.20 52.27 5.04
C PRO F 114 -18.93 52.55 3.55
N ALA F 115 -17.82 53.19 3.22
CA ALA F 115 -17.45 53.45 1.82
C ALA F 115 -17.12 52.16 1.06
N LEU F 116 -16.72 51.11 1.77
CA LEU F 116 -16.43 49.90 1.05
C LEU F 116 -17.75 49.19 0.83
N VAL F 117 -18.60 49.19 1.85
CA VAL F 117 -19.95 48.63 1.73
C VAL F 117 -20.76 49.30 0.57
N ASP F 118 -20.58 50.61 0.38
CA ASP F 118 -21.26 51.33 -0.73
C ASP F 118 -20.83 50.86 -2.11
N ARG F 119 -19.69 50.19 -2.23
CA ARG F 119 -19.25 49.66 -3.51
C ARG F 119 -19.95 48.36 -3.87
N PHE F 120 -20.72 47.82 -2.93
CA PHE F 120 -21.46 46.57 -3.14
C PHE F 120 -22.93 46.81 -3.38
N ALA F 121 -23.45 46.22 -4.46
CA ALA F 121 -24.88 46.17 -4.67
C ALA F 121 -25.55 45.34 -3.57
N PRO F 122 -26.81 45.68 -3.25
CA PRO F 122 -27.51 45.03 -2.13
C PRO F 122 -27.49 43.50 -2.16
N GLU F 123 -27.62 42.93 -3.35
CA GLU F 123 -27.69 41.46 -3.48
C GLU F 123 -26.32 40.80 -3.28
N GLN F 124 -25.27 41.62 -3.27
CA GLN F 124 -23.92 41.19 -2.94
C GLN F 124 -23.60 41.39 -1.46
N ARG F 125 -24.60 41.84 -0.69
CA ARG F 125 -24.43 42.09 0.74
C ARG F 125 -25.11 40.96 1.53
N VAL F 126 -24.39 40.34 2.43
CA VAL F 126 -24.82 39.10 3.05
C VAL F 126 -24.53 39.12 4.55
N ARG F 127 -25.29 38.36 5.34
CA ARG F 127 -25.03 38.20 6.77
C ARG F 127 -25.54 36.85 7.18
N LEU F 128 -24.92 36.28 8.20
CA LEU F 128 -25.33 34.99 8.70
C LEU F 128 -26.60 35.15 9.49
N PRO F 129 -27.46 34.14 9.47
CA PRO F 129 -28.65 34.23 10.32
C PRO F 129 -28.28 34.17 11.80
N MET F 130 -29.12 34.76 12.65
CA MET F 130 -28.92 34.66 14.09
C MET F 130 -30.24 34.85 14.82
N ARG F 131 -30.34 34.30 16.02
CA ARG F 131 -31.49 34.59 16.84
C ARG F 131 -31.38 36.04 17.29
N PRO F 132 -32.53 36.75 17.36
CA PRO F 132 -32.51 38.16 17.78
C PRO F 132 -32.06 38.30 19.21
N GLY F 133 -31.25 39.33 19.45
CA GLY F 133 -30.82 39.68 20.79
C GLY F 133 -29.45 39.10 21.13
N ASN F 134 -28.70 38.73 20.09
CA ASN F 134 -27.42 38.06 20.26
C ASN F 134 -26.30 38.83 19.62
N ARG F 135 -25.10 38.54 20.08
CA ARG F 135 -23.88 39.13 19.57
C ARG F 135 -23.46 38.42 18.30
N SER F 136 -22.70 39.11 17.47
CA SER F 136 -22.18 38.52 16.24
C SER F 136 -21.07 37.52 16.50
N LEU F 137 -20.99 36.50 15.64
CA LEU F 137 -19.99 35.46 15.81
C LEU F 137 -18.57 35.97 15.71
N ASN F 138 -17.67 35.25 16.37
CA ASN F 138 -16.25 35.32 16.11
C ASN F 138 -15.98 35.39 14.57
N LEU F 139 -14.91 36.08 14.17
CA LEU F 139 -14.62 36.22 12.74
C LEU F 139 -14.21 34.88 12.12
N SER F 140 -13.33 34.14 12.78
CA SER F 140 -12.93 32.82 12.25
C SER F 140 -14.10 31.86 12.10
N ASN F 141 -14.95 31.75 13.14
CA ASN F 141 -16.11 30.89 13.00
C ASN F 141 -16.97 31.35 11.82
N THR F 142 -17.06 32.65 11.59
CA THR F 142 -17.89 33.19 10.50
C THR F 142 -17.31 32.76 9.15
N VAL F 143 -16.01 32.89 9.02
CA VAL F 143 -15.35 32.53 7.75
C VAL F 143 -15.54 31.07 7.49
N ALA F 144 -15.35 30.24 8.50
CA ALA F 144 -15.56 28.78 8.32
C ALA F 144 -16.98 28.42 7.89
N VAL F 145 -17.99 28.99 8.54
CA VAL F 145 -19.40 28.77 8.16
C VAL F 145 -19.60 29.17 6.69
N VAL F 146 -19.07 30.31 6.31
CA VAL F 146 -19.18 30.79 4.90
C VAL F 146 -18.55 29.84 3.88
N VAL F 147 -17.31 29.49 4.14
CA VAL F 147 -16.59 28.70 3.19
C VAL F 147 -17.18 27.28 3.09
N PHE F 148 -17.50 26.67 4.22
CA PHE F 148 -18.14 25.32 4.17
C PHE F 148 -19.56 25.37 3.56
N GLU F 149 -20.31 26.48 3.66
CA GLU F 149 -21.60 26.55 2.95
C GLU F 149 -21.40 26.63 1.42
N ALA F 150 -20.53 27.53 0.98
CA ALA F 150 -20.24 27.65 -0.46
C ALA F 150 -19.72 26.33 -0.99
N TRP F 151 -18.90 25.67 -0.19
CA TRP F 151 -18.31 24.38 -0.59
C TRP F 151 -19.34 23.27 -0.69
N ARG F 152 -20.28 23.19 0.27
CA ARG F 152 -21.39 22.23 0.22
C ARG F 152 -22.16 22.40 -1.10
N GLN F 153 -22.37 23.64 -1.50
CA GLN F 153 -23.13 23.93 -2.69
C GLN F 153 -22.34 23.49 -3.92
N ALA F 154 -21.03 23.41 -3.79
CA ALA F 154 -20.21 22.84 -4.84
C ALA F 154 -19.96 21.33 -4.58
N GLY F 155 -20.81 20.65 -3.81
CA GLY F 155 -20.70 19.20 -3.59
C GLY F 155 -19.45 18.78 -2.82
N PHE F 156 -18.79 19.73 -2.16
CA PHE F 156 -17.49 19.50 -1.49
C PHE F 156 -16.44 18.92 -2.44
N GLU F 157 -16.46 19.41 -3.68
CA GLU F 157 -15.57 18.92 -4.72
C GLU F 157 -14.12 19.11 -4.26
N GLY F 158 -13.33 18.05 -4.32
CA GLY F 158 -11.92 18.12 -3.90
C GLY F 158 -11.71 17.90 -2.41
N GLY F 159 -12.78 17.61 -1.69
CA GLY F 159 -12.67 17.43 -0.24
C GLY F 159 -13.13 16.03 0.08
N ALA F 160 -12.61 15.46 1.14
CA ALA F 160 -13.04 14.16 1.60
C ALA F 160 -12.57 13.99 3.03
N MET G 5 36.08 -22.38 23.70
CA MET G 5 37.47 -21.79 23.59
C MET G 5 37.34 -20.27 23.58
N PHE G 6 36.66 -19.73 22.56
CA PHE G 6 36.21 -18.33 22.55
C PHE G 6 34.80 -18.27 21.93
N ASN G 7 34.16 -17.11 22.06
CA ASN G 7 32.85 -16.87 21.40
C ASN G 7 32.91 -15.73 20.44
N VAL G 8 32.50 -16.03 19.21
CA VAL G 8 32.35 -15.01 18.17
C VAL G 8 30.91 -14.72 17.95
N VAL G 9 30.59 -13.44 17.93
CA VAL G 9 29.25 -13.00 17.79
C VAL G 9 29.19 -12.05 16.60
N LEU G 10 28.45 -12.42 15.56
CA LEU G 10 28.25 -11.53 14.42
C LEU G 10 26.89 -10.92 14.52
N VAL G 11 26.84 -9.60 14.71
CA VAL G 11 25.58 -8.89 14.83
C VAL G 11 25.04 -8.48 13.45
N GLU G 12 23.90 -9.07 13.09
CA GLU G 12 23.19 -8.77 11.84
C GLU G 12 24.11 -8.77 10.58
N PRO G 13 24.81 -9.90 10.34
CA PRO G 13 25.70 -9.98 9.20
C PRO G 13 24.91 -9.95 7.90
N GLU G 14 25.54 -9.41 6.87
CA GLU G 14 24.88 -9.06 5.61
C GLU G 14 25.35 -9.81 4.35
N ILE G 15 26.62 -10.13 4.29
CA ILE G 15 27.24 -10.67 3.07
C ILE G 15 27.63 -12.12 3.30
N PRO G 16 26.97 -13.07 2.59
CA PRO G 16 27.11 -14.49 2.97
C PRO G 16 28.54 -15.06 3.02
N PRO G 17 29.40 -14.73 2.02
CA PRO G 17 30.76 -15.25 2.04
C PRO G 17 31.55 -14.97 3.32
N ASN G 18 31.35 -13.81 3.93
CA ASN G 18 31.98 -13.48 5.20
C ASN G 18 31.54 -14.42 6.32
N THR G 19 30.28 -14.81 6.34
CA THR G 19 29.79 -15.67 7.42
C THR G 19 30.31 -17.09 7.10
N GLY G 20 30.30 -17.49 5.85
CA GLY G 20 30.95 -18.75 5.47
C GLY G 20 32.43 -18.77 5.92
N ASN G 21 33.14 -17.69 5.70
CA ASN G 21 34.53 -17.58 6.16
C ASN G 21 34.65 -17.74 7.69
N VAL G 22 33.76 -17.09 8.42
CA VAL G 22 33.82 -17.10 9.89
C VAL G 22 33.48 -18.49 10.46
N ILE G 23 32.57 -19.19 9.80
CA ILE G 23 32.16 -20.55 10.19
C ILE G 23 33.38 -21.47 10.14
N ARG G 24 34.15 -21.35 9.05
CA ARG G 24 35.35 -22.11 8.80
C ARG G 24 36.42 -21.74 9.84
N LEU G 25 36.55 -20.45 10.11
CA LEU G 25 37.51 -19.97 11.10
C LEU G 25 37.23 -20.49 12.53
N CYS G 26 35.96 -20.47 12.93
CA CYS G 26 35.54 -20.92 14.27
C CYS G 26 35.79 -22.44 14.42
N ALA G 27 35.47 -23.19 13.39
CA ALA G 27 35.76 -24.64 13.36
C ALA G 27 37.26 -24.93 13.47
N ASN G 28 38.06 -24.27 12.66
CA ASN G 28 39.53 -24.35 12.76
C ASN G 28 40.08 -24.02 14.15
N THR G 29 39.48 -23.04 14.84
CA THR G 29 40.08 -22.53 16.09
C THR G 29 39.40 -23.01 17.38
N GLY G 30 38.21 -23.57 17.27
CA GLY G 30 37.45 -24.05 18.45
C GLY G 30 36.54 -23.02 19.08
N ALA G 31 36.40 -21.85 18.44
CA ALA G 31 35.48 -20.83 18.93
C ALA G 31 34.06 -21.23 18.57
N ARG G 32 33.09 -20.77 19.37
CA ARG G 32 31.69 -21.08 19.14
C ARG G 32 31.11 -19.86 18.45
N LEU G 33 30.31 -20.08 17.41
CA LEU G 33 29.78 -18.98 16.62
C LEU G 33 28.34 -18.72 16.99
N HIS G 34 28.06 -17.43 17.20
CA HIS G 34 26.76 -16.89 17.47
C HIS G 34 26.43 -15.84 16.42
N LEU G 35 25.26 -16.00 15.79
CA LEU G 35 24.69 -15.00 14.91
C LEU G 35 23.46 -14.35 15.53
N ILE G 36 23.36 -13.03 15.35
CA ILE G 36 22.23 -12.25 15.86
C ILE G 36 21.41 -11.79 14.64
N GLU G 37 20.16 -12.23 14.60
CA GLU G 37 19.24 -11.86 13.52
C GLU G 37 18.83 -10.38 13.67
N PRO G 38 18.34 -9.73 12.59
CA PRO G 38 18.14 -10.28 11.24
C PRO G 38 19.44 -10.44 10.45
N LEU G 39 19.56 -11.59 9.78
CA LEU G 39 20.64 -11.88 8.84
C LEU G 39 20.27 -11.25 7.49
N GLY G 40 21.27 -10.93 6.68
CA GLY G 40 21.05 -10.32 5.37
C GLY G 40 20.78 -11.36 4.29
N PHE G 41 20.76 -12.62 4.70
CA PHE G 41 20.76 -13.76 3.80
C PHE G 41 20.08 -14.90 4.51
N PRO G 42 19.50 -15.84 3.76
CA PRO G 42 18.92 -17.06 4.36
C PRO G 42 20.00 -18.10 4.68
N LEU G 43 19.74 -18.94 5.66
CA LEU G 43 20.75 -19.88 6.13
C LEU G 43 20.29 -21.31 5.90
N GLY G 52 30.66 -25.05 0.29
CA GLY G 52 31.31 -26.29 0.72
C GLY G 52 31.72 -26.33 2.19
N LEU G 53 30.73 -26.44 3.08
CA LEU G 53 30.95 -26.44 4.53
C LEU G 53 30.50 -27.76 5.11
N ASP G 54 31.34 -28.39 5.91
CA ASP G 54 30.99 -29.67 6.53
C ASP G 54 30.03 -29.45 7.70
N TYR G 55 29.17 -30.44 7.91
CA TYR G 55 28.12 -30.38 8.94
C TYR G 55 28.69 -29.99 10.28
N HIS G 56 29.74 -30.69 10.72
CA HIS G 56 30.31 -30.45 12.03
C HIS G 56 30.71 -28.97 12.22
N GLU G 57 31.07 -28.30 11.13
CA GLU G 57 31.53 -26.90 11.23
C GLU G 57 30.48 -25.93 11.76
N TYR G 58 29.21 -26.28 11.61
CA TYR G 58 28.13 -25.37 12.01
C TYR G 58 27.04 -26.03 12.87
N ALA G 59 27.29 -27.24 13.36
CA ALA G 59 26.33 -27.93 14.22
C ALA G 59 26.15 -27.16 15.53
N GLN G 60 27.25 -26.92 16.23
CA GLN G 60 27.22 -26.14 17.47
C GLN G 60 26.97 -24.63 17.27
N MET G 61 26.86 -24.15 16.03
CA MET G 61 26.60 -22.74 15.74
C MET G 61 25.28 -22.28 16.31
N ARG G 62 25.23 -21.08 16.86
CA ARG G 62 24.00 -20.61 17.47
C ARG G 62 23.40 -19.36 16.83
N VAL G 63 22.10 -19.41 16.53
CA VAL G 63 21.41 -18.30 15.89
C VAL G 63 20.39 -17.68 16.83
N HIS G 64 20.66 -16.47 17.29
CA HIS G 64 19.77 -15.79 18.23
C HIS G 64 18.86 -14.85 17.52
N ARG G 65 17.63 -14.75 18.01
CA ARG G 65 16.61 -14.00 17.31
C ARG G 65 16.76 -12.48 17.44
N ASP G 66 17.46 -12.03 18.49
CA ASP G 66 17.88 -10.63 18.68
C ASP G 66 18.98 -10.54 19.76
N TRP G 67 19.56 -9.36 19.92
CA TRP G 67 20.63 -9.13 20.91
C TRP G 67 20.18 -9.52 22.33
N ASP G 68 19.04 -8.98 22.76
CA ASP G 68 18.49 -9.33 24.06
C ASP G 68 18.28 -10.83 24.26
N ALA G 69 17.76 -11.52 23.24
CA ALA G 69 17.65 -12.99 23.30
C ALA G 69 19.02 -13.63 23.56
N PHE G 70 20.04 -13.17 22.84
CA PHE G 70 21.38 -13.66 23.02
C PHE G 70 21.87 -13.46 24.46
N VAL G 71 21.69 -12.26 25.01
CA VAL G 71 22.11 -11.96 26.37
C VAL G 71 21.40 -12.82 27.41
N ALA G 72 20.10 -13.03 27.23
CA ALA G 72 19.32 -13.90 28.10
C ALA G 72 19.76 -15.35 28.08
N ALA G 73 20.02 -15.89 26.89
CA ALA G 73 20.37 -17.31 26.74
C ALA G 73 21.82 -17.58 27.18
N GLU G 74 22.74 -16.70 26.81
CA GLU G 74 24.16 -16.93 27.08
C GLU G 74 24.68 -16.31 28.36
N ALA G 75 24.01 -15.28 28.85
CA ALA G 75 24.45 -14.62 30.09
C ALA G 75 25.97 -14.41 30.07
N PRO G 76 26.46 -13.65 29.07
CA PRO G 76 27.89 -13.38 28.96
C PRO G 76 28.39 -12.46 30.08
N ASP G 77 29.63 -12.69 30.55
CA ASP G 77 30.20 -11.85 31.59
C ASP G 77 30.61 -10.51 30.97
N PRO G 78 29.98 -9.40 31.43
CA PRO G 78 30.23 -8.16 30.69
C PRO G 78 31.70 -7.71 30.70
N ALA G 79 32.48 -8.13 31.70
CA ALA G 79 33.89 -7.81 31.76
C ALA G 79 34.70 -8.56 30.71
N ARG G 80 34.17 -9.67 30.19
CA ARG G 80 34.86 -10.46 29.20
C ARG G 80 34.23 -10.33 27.78
N MET G 81 33.53 -9.24 27.53
CA MET G 81 32.93 -8.96 26.21
C MET G 81 33.59 -7.74 25.56
N PHE G 82 33.90 -7.86 24.28
CA PHE G 82 34.64 -6.84 23.56
C PHE G 82 33.90 -6.53 22.27
N ALA G 83 33.58 -5.25 22.08
CA ALA G 83 32.96 -4.75 20.86
C ALA G 83 34.03 -4.26 19.88
N PHE G 84 34.18 -4.91 18.72
CA PHE G 84 35.22 -4.54 17.78
C PHE G 84 34.63 -3.52 16.86
N THR G 85 35.17 -2.31 16.90
CA THR G 85 34.65 -1.17 16.14
C THR G 85 35.80 -0.22 15.81
N THR G 86 35.73 0.37 14.61
CA THR G 86 36.72 1.33 14.20
C THR G 86 36.69 2.58 15.03
N ARG G 87 35.60 2.76 15.80
CA ARG G 87 35.43 3.94 16.62
C ARG G 87 35.91 3.69 18.03
N GLY G 88 36.44 2.49 18.29
CA GLY G 88 36.92 2.14 19.61
C GLY G 88 38.18 2.87 20.09
N SER G 89 38.21 3.12 21.37
CA SER G 89 39.37 3.71 22.04
C SER G 89 40.21 2.66 22.73
N GLY G 90 39.69 1.45 22.86
CA GLY G 90 40.48 0.30 23.33
C GLY G 90 41.51 -0.12 22.29
N ARG G 91 42.76 -0.22 22.69
CA ARG G 91 43.84 -0.49 21.75
C ARG G 91 43.93 -2.01 21.67
N PHE G 92 43.95 -2.54 20.46
CA PHE G 92 44.03 -3.99 20.31
C PHE G 92 45.32 -4.56 20.92
N HIS G 93 46.42 -3.85 20.75
CA HIS G 93 47.73 -4.33 21.20
C HIS G 93 47.83 -4.47 22.73
N ASP G 94 47.07 -3.67 23.47
CA ASP G 94 47.09 -3.66 24.94
C ASP G 94 46.22 -4.74 25.60
N ARG G 95 45.45 -5.50 24.79
CA ARG G 95 44.36 -6.31 25.33
C ARG G 95 44.80 -7.75 25.64
N ALA G 96 44.56 -8.20 26.87
CA ALA G 96 44.69 -9.61 27.25
C ALA G 96 43.32 -10.32 27.09
N PHE G 97 43.28 -11.34 26.25
CA PHE G 97 42.05 -12.14 26.02
C PHE G 97 42.13 -13.47 26.76
N GLU G 98 40.98 -14.05 27.10
CA GLU G 98 40.94 -15.27 27.92
C GLU G 98 39.94 -16.26 27.33
N PRO G 99 40.18 -17.58 27.49
CA PRO G 99 39.18 -18.57 27.04
C PRO G 99 37.75 -18.27 27.52
N GLY G 100 36.78 -18.38 26.63
CA GLY G 100 35.36 -18.04 26.91
C GLY G 100 34.99 -16.56 26.73
N ASP G 101 35.94 -15.70 26.36
CA ASP G 101 35.61 -14.29 26.10
C ASP G 101 34.64 -14.24 24.93
N TRP G 102 33.97 -13.10 24.80
CA TRP G 102 32.97 -12.81 23.75
C TRP G 102 33.49 -11.70 22.85
N PHE G 103 33.70 -12.06 21.59
CA PHE G 103 34.22 -11.18 20.55
C PHE G 103 33.04 -10.79 19.66
N VAL G 104 32.67 -9.50 19.71
CA VAL G 104 31.44 -8.98 19.07
C VAL G 104 31.81 -8.09 17.85
N PHE G 105 31.19 -8.38 16.71
CA PHE G 105 31.49 -7.70 15.45
C PHE G 105 30.19 -7.28 14.76
N GLY G 106 30.27 -6.18 14.03
CA GLY G 106 29.13 -5.56 13.40
C GLY G 106 28.91 -5.90 11.95
N ALA G 107 27.87 -5.29 11.37
CA ALA G 107 27.48 -5.60 10.00
C ALA G 107 28.42 -4.90 9.00
N GLU G 108 28.57 -5.51 7.83
CA GLU G 108 29.55 -5.07 6.84
C GLU G 108 29.35 -3.61 6.43
N THR G 109 28.10 -3.17 6.27
CA THR G 109 27.89 -1.82 5.73
C THR G 109 27.79 -0.75 6.80
N ARG G 110 27.26 -1.08 7.96
CA ARG G 110 27.00 -0.03 8.96
C ARG G 110 27.81 -0.18 10.24
N GLY G 111 28.37 -1.35 10.49
CA GLY G 111 29.10 -1.57 11.72
C GLY G 111 28.11 -1.86 12.84
N LEU G 112 28.62 -1.80 14.07
CA LEU G 112 27.83 -2.05 15.27
C LEU G 112 27.00 -0.82 15.58
N ALA G 113 25.71 -0.98 15.89
CA ALA G 113 24.90 0.20 16.20
C ALA G 113 25.52 0.96 17.39
N PRO G 114 25.55 2.31 17.31
CA PRO G 114 26.19 3.08 18.38
C PRO G 114 25.54 2.85 19.75
N ALA G 115 24.24 2.61 19.76
CA ALA G 115 23.54 2.29 21.01
C ALA G 115 24.14 1.06 21.69
N LEU G 116 24.46 0.04 20.89
CA LEU G 116 25.03 -1.23 21.39
C LEU G 116 26.46 -0.98 21.90
N VAL G 117 27.26 -0.28 21.09
CA VAL G 117 28.65 0.03 21.44
C VAL G 117 28.76 0.75 22.78
N ASP G 118 27.92 1.74 23.02
CA ASP G 118 27.94 2.45 24.29
C ASP G 118 27.79 1.55 25.51
N ARG G 119 27.02 0.46 25.40
CA ARG G 119 26.82 -0.47 26.52
C ARG G 119 28.10 -1.15 26.97
N PHE G 120 29.12 -1.22 26.11
CA PHE G 120 30.39 -1.81 26.51
C PHE G 120 31.19 -0.73 27.20
N ALA G 121 31.93 -1.11 28.25
CA ALA G 121 32.94 -0.23 28.87
C ALA G 121 33.96 0.31 27.83
N PRO G 122 34.32 1.61 27.91
CA PRO G 122 35.11 2.26 26.85
C PRO G 122 36.36 1.47 26.43
N GLU G 123 37.06 0.93 27.42
CA GLU G 123 38.20 0.09 27.19
C GLU G 123 37.88 -1.23 26.48
N GLN G 124 36.62 -1.64 26.44
CA GLN G 124 36.27 -2.89 25.76
C GLN G 124 35.65 -2.63 24.37
N ARG G 125 35.77 -1.38 23.93
CA ARG G 125 35.45 -1.01 22.58
C ARG G 125 36.79 -0.92 21.91
N VAL G 126 37.12 -1.97 21.16
CA VAL G 126 38.46 -2.23 20.72
C VAL G 126 38.58 -2.02 19.22
N ARG G 127 39.55 -1.19 18.84
CA ARG G 127 39.89 -0.93 17.43
C ARG G 127 41.17 -1.70 17.05
N LEU G 128 41.17 -2.36 15.91
CA LEU G 128 42.43 -2.95 15.41
C LEU G 128 43.19 -1.89 14.63
N PRO G 129 44.52 -1.89 14.75
CA PRO G 129 45.18 -0.75 14.08
C PRO G 129 45.17 -0.89 12.56
N MET G 130 45.24 0.25 11.91
CA MET G 130 45.22 0.37 10.46
C MET G 130 46.07 1.53 10.08
N ARG G 131 46.49 1.59 8.81
CA ARG G 131 47.18 2.75 8.29
C ARG G 131 46.23 3.95 8.32
N PRO G 132 46.78 5.15 8.32
CA PRO G 132 45.91 6.33 8.47
C PRO G 132 44.91 6.52 7.33
N GLY G 133 43.76 7.09 7.67
CA GLY G 133 42.71 7.37 6.69
C GLY G 133 41.41 6.75 7.09
N ASN G 134 40.37 7.09 6.35
CA ASN G 134 39.05 6.51 6.56
C ASN G 134 39.05 5.09 5.99
N ARG G 135 39.04 4.09 6.88
CA ARG G 135 39.29 2.70 6.54
C ARG G 135 38.49 1.74 7.42
N SER G 136 38.31 0.52 6.93
CA SER G 136 37.92 -0.58 7.77
C SER G 136 38.37 -1.89 7.16
N LEU G 137 38.54 -2.86 8.02
CA LEU G 137 38.92 -4.19 7.63
C LEU G 137 37.69 -4.91 7.20
N ASN G 138 37.85 -5.87 6.31
CA ASN G 138 36.80 -6.87 6.02
C ASN G 138 36.34 -7.54 7.33
N LEU G 139 35.04 -7.80 7.43
CA LEU G 139 34.47 -8.47 8.61
C LEU G 139 35.19 -9.77 8.93
N SER G 140 35.33 -10.66 7.94
CA SER G 140 35.91 -12.00 8.26
C SER G 140 37.41 -11.91 8.58
N ASN G 141 38.09 -10.99 7.90
CA ASN G 141 39.49 -10.72 8.29
C ASN G 141 39.66 -10.31 9.74
N THR G 142 38.82 -9.38 10.20
CA THR G 142 38.87 -8.88 11.57
C THR G 142 38.69 -10.05 12.54
N VAL G 143 37.68 -10.90 12.26
CA VAL G 143 37.35 -11.98 13.17
C VAL G 143 38.53 -12.92 13.26
N ALA G 144 39.16 -13.22 12.12
CA ALA G 144 40.28 -14.17 12.13
C ALA G 144 41.44 -13.58 12.91
N VAL G 145 41.76 -12.32 12.72
CA VAL G 145 42.89 -11.73 13.44
C VAL G 145 42.66 -11.77 14.97
N VAL G 146 41.51 -11.29 15.37
CA VAL G 146 41.11 -11.32 16.80
C VAL G 146 41.24 -12.73 17.37
N VAL G 147 40.59 -13.66 16.70
CA VAL G 147 40.57 -15.05 17.21
C VAL G 147 41.97 -15.63 17.29
N PHE G 148 42.77 -15.47 16.22
CA PHE G 148 44.13 -16.01 16.27
C PHE G 148 44.98 -15.33 17.36
N GLU G 149 44.76 -14.04 17.62
CA GLU G 149 45.54 -13.37 18.68
C GLU G 149 45.12 -13.91 20.05
N ALA G 150 43.81 -14.00 20.28
CA ALA G 150 43.34 -14.59 21.54
C ALA G 150 43.91 -16.02 21.70
N TRP G 151 43.93 -16.77 20.61
CA TRP G 151 44.37 -18.18 20.65
C TRP G 151 45.89 -18.29 20.92
N ARG G 152 46.63 -17.36 20.32
CA ARG G 152 48.03 -17.25 20.63
C ARG G 152 48.28 -17.02 22.14
N GLN G 153 47.52 -16.12 22.78
CA GLN G 153 47.67 -15.89 24.22
C GLN G 153 47.31 -17.14 25.02
N ALA G 154 46.42 -17.99 24.50
CA ALA G 154 46.14 -19.30 25.13
C ALA G 154 47.10 -20.40 24.66
N GLY G 155 48.17 -20.06 23.97
CA GLY G 155 49.13 -21.09 23.56
C GLY G 155 48.55 -22.05 22.50
N PHE G 156 47.52 -21.62 21.78
CA PHE G 156 46.93 -22.48 20.74
C PHE G 156 46.47 -23.84 21.27
N GLU G 157 45.92 -23.85 22.48
CA GLU G 157 45.36 -25.06 23.05
C GLU G 157 44.32 -25.70 22.13
N GLY G 158 44.45 -27.01 21.94
CA GLY G 158 43.62 -27.78 21.03
C GLY G 158 44.14 -27.78 19.58
N GLY G 159 45.14 -26.96 19.29
CA GLY G 159 45.60 -26.74 17.91
C GLY G 159 46.82 -27.56 17.57
N ALA G 160 46.91 -27.97 16.30
CA ALA G 160 47.99 -28.87 15.86
C ALA G 160 48.58 -28.38 14.54
N MET H 5 58.15 -2.35 4.76
CA MET H 5 56.77 -2.88 4.64
C MET H 5 56.89 -4.37 4.43
N PHE H 6 55.94 -5.13 4.96
CA PHE H 6 55.84 -6.56 4.66
C PHE H 6 55.40 -6.73 3.20
N ASN H 7 55.67 -7.92 2.64
CA ASN H 7 55.35 -8.31 1.28
C ASN H 7 54.52 -9.55 1.30
N VAL H 8 53.36 -9.47 0.65
CA VAL H 8 52.48 -10.62 0.42
C VAL H 8 52.61 -11.02 -1.04
N VAL H 9 52.86 -12.33 -1.28
CA VAL H 9 52.97 -12.87 -2.61
C VAL H 9 51.88 -13.92 -2.82
N LEU H 10 51.01 -13.68 -3.81
CA LEU H 10 50.02 -14.69 -4.22
C LEU H 10 50.47 -15.32 -5.52
N VAL H 11 50.70 -16.63 -5.45
CA VAL H 11 51.17 -17.39 -6.59
C VAL H 11 49.95 -18.07 -7.24
N GLU H 12 49.71 -17.75 -8.52
CA GLU H 12 48.60 -18.28 -9.29
C GLU H 12 47.25 -18.23 -8.58
N PRO H 13 46.87 -17.04 -8.07
CA PRO H 13 45.57 -16.91 -7.40
C PRO H 13 44.38 -17.22 -8.36
N GLU H 14 43.37 -17.91 -7.83
CA GLU H 14 42.27 -18.49 -8.60
C GLU H 14 40.96 -17.70 -8.44
N ILE H 15 40.62 -17.37 -7.21
CA ILE H 15 39.26 -16.88 -6.93
C ILE H 15 39.28 -15.36 -6.83
N PRO H 16 38.59 -14.66 -7.74
CA PRO H 16 38.69 -13.18 -7.84
C PRO H 16 38.49 -12.38 -6.53
N PRO H 17 37.34 -12.59 -5.81
CA PRO H 17 37.13 -11.82 -4.59
C PRO H 17 38.16 -12.04 -3.50
N ASN H 18 38.88 -13.17 -3.49
CA ASN H 18 39.96 -13.32 -2.51
C ASN H 18 41.08 -12.36 -2.75
N THR H 19 41.41 -12.17 -4.02
CA THR H 19 42.46 -11.29 -4.38
C THR H 19 42.02 -9.84 -4.13
N GLY H 20 40.76 -9.54 -4.39
CA GLY H 20 40.23 -8.21 -4.10
C GLY H 20 40.29 -7.90 -2.61
N ASN H 21 39.87 -8.83 -1.78
CA ASN H 21 40.00 -8.66 -0.33
C ASN H 21 41.45 -8.51 0.13
N VAL H 22 42.37 -9.25 -0.47
CA VAL H 22 43.79 -9.16 -0.08
C VAL H 22 44.36 -7.81 -0.48
N ILE H 23 43.89 -7.26 -1.61
CA ILE H 23 44.36 -5.94 -2.05
C ILE H 23 44.00 -4.92 -0.98
N ARG H 24 42.72 -4.90 -0.59
CA ARG H 24 42.25 -4.04 0.53
C ARG H 24 43.03 -4.27 1.83
N LEU H 25 43.25 -5.52 2.19
CA LEU H 25 44.01 -5.83 3.42
C LEU H 25 45.42 -5.22 3.38
N CYS H 26 46.06 -5.30 2.23
CA CYS H 26 47.39 -4.73 2.05
C CYS H 26 47.36 -3.22 2.20
N ALA H 27 46.39 -2.56 1.58
CA ALA H 27 46.27 -1.11 1.78
C ALA H 27 46.02 -0.77 3.24
N ASN H 28 45.17 -1.54 3.91
CA ASN H 28 44.83 -1.23 5.30
C ASN H 28 46.00 -1.39 6.24
N THR H 29 46.95 -2.24 5.86
CA THR H 29 48.10 -2.57 6.70
C THR H 29 49.41 -1.98 6.18
N GLY H 30 49.43 -1.54 4.95
CA GLY H 30 50.64 -0.99 4.34
C GLY H 30 51.57 -2.09 3.86
N ALA H 31 51.05 -3.29 3.63
CA ALA H 31 51.85 -4.35 3.03
C ALA H 31 51.91 -4.15 1.51
N ARG H 32 53.00 -4.62 0.89
CA ARG H 32 53.12 -4.58 -0.57
C ARG H 32 52.62 -5.91 -1.15
N LEU H 33 51.82 -5.84 -2.21
CA LEU H 33 51.26 -7.06 -2.82
C LEU H 33 51.93 -7.43 -4.17
N HIS H 34 52.27 -8.72 -4.32
CA HIS H 34 52.89 -9.27 -5.55
C HIS H 34 52.03 -10.46 -6.03
N LEU H 35 51.63 -10.43 -7.30
CA LEU H 35 50.87 -11.50 -7.89
C LEU H 35 51.71 -12.24 -8.92
N ILE H 36 51.80 -13.55 -8.81
CA ILE H 36 52.54 -14.35 -9.78
C ILE H 36 51.55 -14.95 -10.79
N GLU H 37 51.71 -14.54 -12.04
CA GLU H 37 50.92 -15.09 -13.16
C GLU H 37 51.29 -16.55 -13.48
N PRO H 38 50.35 -17.31 -14.09
CA PRO H 38 49.00 -16.91 -14.51
C PRO H 38 47.96 -16.81 -13.39
N LEU H 39 47.11 -15.80 -13.49
CA LEU H 39 46.03 -15.58 -12.56
C LEU H 39 44.80 -16.28 -13.05
N GLY H 40 43.87 -16.60 -12.14
CA GLY H 40 42.60 -17.19 -12.54
C GLY H 40 41.53 -16.23 -13.05
N PHE H 41 41.89 -14.98 -13.29
CA PHE H 41 40.94 -13.92 -13.61
C PHE H 41 41.70 -12.75 -14.22
N PRO H 42 41.03 -11.91 -14.98
CA PRO H 42 41.71 -10.72 -15.47
C PRO H 42 41.80 -9.62 -14.43
N LEU H 43 42.80 -8.75 -14.57
CA LEU H 43 42.91 -7.53 -13.78
C LEU H 43 42.58 -6.32 -14.62
N ASP H 44 41.48 -5.65 -14.28
CA ASP H 44 41.00 -4.47 -15.05
C ASP H 44 40.58 -3.40 -14.06
N ASP H 45 41.07 -2.18 -14.30
CA ASP H 45 40.84 -1.05 -13.39
C ASP H 45 39.35 -0.84 -13.10
N ALA H 46 38.49 -1.02 -14.11
CA ALA H 46 37.04 -0.89 -13.94
C ALA H 46 36.47 -2.07 -13.13
N LYS H 47 37.05 -3.25 -13.39
CA LYS H 47 36.75 -4.42 -12.57
C LYS H 47 37.23 -4.16 -11.13
N MET H 48 38.40 -3.55 -11.00
CA MET H 48 38.93 -3.10 -9.70
C MET H 48 38.10 -1.95 -9.09
N ARG H 49 37.64 -1.03 -9.94
CA ARG H 49 36.73 0.04 -9.55
C ARG H 49 35.39 -0.54 -9.09
N ARG H 50 34.88 -1.52 -9.84
CA ARG H 50 33.59 -2.15 -9.53
C ARG H 50 33.63 -2.97 -8.23
N ALA H 51 34.83 -3.41 -7.84
CA ALA H 51 35.02 -4.07 -6.54
C ALA H 51 35.11 -3.07 -5.39
N GLY H 52 35.26 -1.79 -5.72
CA GLY H 52 35.42 -0.76 -4.69
C GLY H 52 36.86 -0.66 -4.23
N LEU H 53 37.76 -0.33 -5.16
CA LEU H 53 39.19 -0.15 -4.88
C LEU H 53 39.66 1.14 -5.53
N ASP H 54 40.24 2.05 -4.75
CA ASP H 54 40.82 3.28 -5.28
C ASP H 54 42.12 2.92 -5.98
N TYR H 55 42.43 3.59 -7.08
CA TYR H 55 43.64 3.28 -7.87
C TYR H 55 44.94 3.38 -7.06
N HIS H 56 45.05 4.41 -6.24
CA HIS H 56 46.27 4.61 -5.46
C HIS H 56 46.43 3.54 -4.38
N GLU H 57 45.33 2.88 -4.07
CA GLU H 57 45.34 1.72 -3.18
C GLU H 57 46.12 0.55 -3.75
N TYR H 58 45.99 0.30 -5.05
CA TYR H 58 46.62 -0.87 -5.66
C TYR H 58 47.73 -0.55 -6.68
N ALA H 59 47.94 0.72 -7.04
CA ALA H 59 48.86 1.02 -8.15
C ALA H 59 50.26 0.43 -7.95
N GLN H 60 50.72 0.39 -6.70
CA GLN H 60 52.03 -0.23 -6.39
C GLN H 60 52.03 -1.76 -6.38
N MET H 61 50.89 -2.39 -6.50
CA MET H 61 50.83 -3.83 -6.64
C MET H 61 51.72 -4.23 -7.80
N ARG H 62 52.51 -5.27 -7.62
CA ARG H 62 53.34 -5.79 -8.71
C ARG H 62 52.77 -7.13 -9.18
N VAL H 63 52.83 -7.37 -10.49
CA VAL H 63 52.37 -8.59 -11.12
C VAL H 63 53.55 -9.17 -11.86
N HIS H 64 53.88 -10.41 -11.60
CA HIS H 64 55.07 -11.02 -12.20
C HIS H 64 54.68 -12.13 -13.14
N ARG H 65 55.42 -12.24 -14.25
CA ARG H 65 55.10 -13.20 -15.30
C ARG H 65 55.21 -14.60 -14.76
N ASP H 66 56.21 -14.84 -13.92
CA ASP H 66 56.46 -16.16 -13.37
C ASP H 66 57.39 -16.06 -12.17
N TRP H 67 57.64 -17.17 -11.51
CA TRP H 67 58.37 -17.14 -10.24
C TRP H 67 59.76 -16.56 -10.43
N ASP H 68 60.47 -17.04 -11.43
CA ASP H 68 61.86 -16.65 -11.65
C ASP H 68 61.93 -15.17 -12.00
N ALA H 69 60.97 -14.71 -12.80
CA ALA H 69 60.90 -13.27 -13.09
C ALA H 69 60.67 -12.45 -11.82
N PHE H 70 59.77 -12.94 -10.94
CA PHE H 70 59.59 -12.33 -9.62
C PHE H 70 60.89 -12.21 -8.81
N VAL H 71 61.66 -13.30 -8.71
CA VAL H 71 62.89 -13.32 -7.91
C VAL H 71 64.00 -12.47 -8.55
N ALA H 72 64.01 -12.43 -9.88
CA ALA H 72 64.98 -11.62 -10.61
C ALA H 72 64.68 -10.15 -10.38
N ALA H 73 63.40 -9.79 -10.38
CA ALA H 73 63.01 -8.40 -10.18
C ALA H 73 63.20 -7.92 -8.75
N GLU H 74 62.85 -8.76 -7.77
CA GLU H 74 62.73 -8.31 -6.37
C GLU H 74 63.88 -8.71 -5.44
N ALA H 75 64.61 -9.77 -5.79
CA ALA H 75 65.76 -10.20 -5.02
C ALA H 75 65.39 -10.40 -3.54
N PRO H 76 64.27 -11.07 -3.29
CA PRO H 76 63.87 -11.33 -1.90
C PRO H 76 64.96 -12.05 -1.14
N ASP H 77 65.22 -11.66 0.11
CA ASP H 77 66.23 -12.37 0.93
C ASP H 77 65.67 -13.72 1.35
N PRO H 78 66.28 -14.83 0.89
CA PRO H 78 65.67 -16.16 1.13
C PRO H 78 65.43 -16.49 2.61
N ALA H 79 66.28 -15.97 3.50
CA ALA H 79 66.11 -16.18 4.94
C ALA H 79 64.89 -15.42 5.51
N ARG H 80 64.31 -14.52 4.70
CA ARG H 80 63.21 -13.67 5.14
C ARG H 80 61.93 -13.92 4.31
N MET H 81 61.96 -15.01 3.53
CA MET H 81 60.84 -15.42 2.72
C MET H 81 60.22 -16.71 3.24
N PHE H 82 58.92 -16.67 3.51
CA PHE H 82 58.20 -17.78 4.13
C PHE H 82 57.12 -18.35 3.20
N ALA H 83 57.13 -19.67 3.04
CA ALA H 83 56.14 -20.35 2.21
C ALA H 83 55.10 -21.07 3.04
N PHE H 84 53.83 -20.83 2.68
CA PHE H 84 52.71 -21.38 3.44
C PHE H 84 52.27 -22.70 2.83
N THR H 85 52.60 -23.76 3.56
CA THR H 85 52.42 -25.12 3.08
C THR H 85 52.32 -26.01 4.30
N THR H 86 51.73 -27.17 4.13
CA THR H 86 51.66 -28.11 5.24
C THR H 86 52.78 -29.16 5.25
N ARG H 87 53.48 -29.30 4.13
CA ARG H 87 54.53 -30.32 3.99
C ARG H 87 55.83 -29.92 4.72
N GLY H 88 56.13 -30.58 5.82
CA GLY H 88 57.32 -30.28 6.64
C GLY H 88 57.41 -28.87 7.22
N SER H 89 56.28 -28.20 7.40
CA SER H 89 56.28 -26.85 7.93
C SER H 89 56.24 -26.85 9.45
N GLY H 90 56.48 -25.68 10.02
CA GLY H 90 56.29 -25.48 11.46
C GLY H 90 55.20 -24.46 11.62
N ARG H 91 54.81 -24.23 12.86
CA ARG H 91 53.87 -23.18 13.18
C ARG H 91 54.39 -21.82 12.78
N PHE H 92 53.56 -21.10 12.05
CA PHE H 92 53.85 -19.73 11.69
C PHE H 92 54.33 -18.85 12.89
N HIS H 93 53.57 -18.89 13.99
CA HIS H 93 53.76 -18.07 15.17
C HIS H 93 55.02 -18.37 15.98
N ASP H 94 55.71 -19.47 15.67
CA ASP H 94 56.98 -19.81 16.26
C ASP H 94 58.08 -18.79 15.89
N ARG H 95 57.97 -18.22 14.70
CA ARG H 95 59.05 -17.48 14.12
C ARG H 95 58.91 -15.98 14.43
N ALA H 96 60.07 -15.36 14.67
CA ALA H 96 60.25 -13.90 14.68
C ALA H 96 60.33 -13.31 13.26
N PHE H 97 59.42 -12.37 12.95
CA PHE H 97 59.34 -11.75 11.63
C PHE H 97 59.81 -10.34 11.74
N GLU H 98 60.33 -9.81 10.64
CA GLU H 98 60.92 -8.47 10.59
C GLU H 98 60.30 -7.65 9.45
N PRO H 99 60.28 -6.32 9.56
CA PRO H 99 59.89 -5.50 8.43
C PRO H 99 60.65 -5.90 7.18
N GLY H 100 59.94 -6.06 6.08
CA GLY H 100 60.54 -6.43 4.80
C GLY H 100 60.36 -7.90 4.47
N ASP H 101 59.83 -8.69 5.42
CA ASP H 101 59.71 -10.13 5.18
C ASP H 101 58.74 -10.39 4.04
N TRP H 102 58.80 -11.62 3.53
CA TRP H 102 58.01 -12.08 2.41
C TRP H 102 57.18 -13.32 2.82
N PHE H 103 55.88 -13.27 2.55
CA PHE H 103 54.92 -14.32 2.86
C PHE H 103 54.28 -14.80 1.55
N VAL H 104 54.53 -16.07 1.24
CA VAL H 104 54.21 -16.63 -0.06
C VAL H 104 53.14 -17.68 0.14
N PHE H 105 52.07 -17.53 -0.62
CA PHE H 105 50.82 -18.23 -0.38
C PHE H 105 50.38 -18.80 -1.69
N GLY H 106 49.83 -20.01 -1.63
CA GLY H 106 49.41 -20.68 -2.83
C GLY H 106 47.95 -20.42 -3.18
N ALA H 107 47.57 -20.90 -4.34
CA ALA H 107 46.18 -20.84 -4.75
C ALA H 107 45.29 -21.60 -3.77
N GLU H 108 44.10 -21.05 -3.61
CA GLU H 108 43.06 -21.56 -2.71
C GLU H 108 42.88 -23.08 -2.79
N THR H 109 42.57 -23.59 -3.97
CA THR H 109 42.34 -25.02 -4.17
C THR H 109 43.61 -25.85 -4.07
N ARG H 110 44.65 -25.39 -4.76
CA ARG H 110 45.87 -26.15 -4.94
C ARG H 110 46.81 -26.16 -3.73
N GLY H 111 47.01 -25.00 -3.12
CA GLY H 111 48.18 -24.75 -2.27
C GLY H 111 49.37 -24.45 -3.19
N LEU H 112 50.53 -24.22 -2.60
CA LEU H 112 51.73 -24.00 -3.38
C LEU H 112 52.13 -25.27 -4.12
N ALA H 113 52.66 -25.09 -5.33
CA ALA H 113 53.17 -26.20 -6.12
C ALA H 113 54.26 -26.97 -5.34
N PRO H 114 54.21 -28.32 -5.38
CA PRO H 114 55.22 -29.10 -4.67
C PRO H 114 56.61 -28.68 -5.06
N ALA H 115 56.77 -28.30 -6.33
CA ALA H 115 58.07 -27.94 -6.89
C ALA H 115 58.57 -26.66 -6.27
N LEU H 116 57.67 -25.70 -6.07
CA LEU H 116 58.02 -24.45 -5.41
C LEU H 116 58.38 -24.68 -3.94
N VAL H 117 57.49 -25.38 -3.26
CA VAL H 117 57.69 -25.74 -1.86
C VAL H 117 59.07 -26.35 -1.62
N ASP H 118 59.53 -27.23 -2.52
CA ASP H 118 60.85 -27.91 -2.37
C ASP H 118 62.06 -26.97 -2.48
N ARG H 119 61.88 -25.80 -3.09
CA ARG H 119 62.92 -24.76 -3.11
C ARG H 119 63.05 -24.00 -1.77
N PHE H 120 62.11 -24.22 -0.83
CA PHE H 120 62.17 -23.60 0.49
C PHE H 120 62.72 -24.56 1.53
N ALA H 121 63.71 -24.07 2.29
CA ALA H 121 64.21 -24.79 3.45
C ALA H 121 63.07 -24.97 4.46
N PRO H 122 63.02 -26.14 5.13
CA PRO H 122 61.98 -26.39 6.12
C PRO H 122 61.74 -25.26 7.13
N GLU H 123 62.81 -24.66 7.66
CA GLU H 123 62.72 -23.50 8.57
C GLU H 123 61.83 -22.36 8.02
N GLN H 124 61.83 -22.23 6.69
CA GLN H 124 61.10 -21.18 6.01
C GLN H 124 59.70 -21.61 5.56
N ARG H 125 59.30 -22.83 5.91
CA ARG H 125 57.96 -23.34 5.63
C ARG H 125 57.11 -23.26 6.85
N VAL H 126 55.93 -22.66 6.72
CA VAL H 126 55.09 -22.27 7.85
C VAL H 126 53.62 -22.58 7.61
N ARG H 127 52.86 -22.68 8.69
CA ARG H 127 51.43 -22.92 8.55
C ARG H 127 50.71 -22.38 9.77
N LEU H 128 49.47 -21.98 9.59
CA LEU H 128 48.71 -21.51 10.75
C LEU H 128 48.32 -22.71 11.60
N PRO H 129 48.27 -22.56 12.94
CA PRO H 129 47.72 -23.67 13.72
C PRO H 129 46.25 -23.94 13.38
N MET H 130 45.84 -25.18 13.59
CA MET H 130 44.45 -25.54 13.48
C MET H 130 44.11 -26.79 14.28
N ARG H 131 42.86 -26.85 14.76
CA ARG H 131 42.32 -28.06 15.34
C ARG H 131 42.34 -29.15 14.28
N PRO H 132 42.68 -30.37 14.69
CA PRO H 132 42.79 -31.44 13.69
C PRO H 132 41.44 -31.72 13.05
N GLY H 133 41.47 -32.07 11.77
CA GLY H 133 40.27 -32.52 11.06
C GLY H 133 39.55 -31.46 10.23
N ASN H 134 40.11 -30.26 10.16
CA ASN H 134 39.43 -29.16 9.53
C ASN H 134 39.98 -28.81 8.14
N ARG H 135 39.16 -28.12 7.34
CA ARG H 135 39.62 -27.58 6.08
C ARG H 135 40.42 -26.35 6.40
N SER H 136 41.23 -25.90 5.44
CA SER H 136 42.04 -24.69 5.63
C SER H 136 41.20 -23.44 5.50
N LEU H 137 41.67 -22.36 6.11
CA LEU H 137 40.95 -21.11 6.11
C LEU H 137 40.81 -20.49 4.74
N ASN H 138 39.85 -19.61 4.56
CA ASN H 138 39.82 -18.75 3.39
C ASN H 138 41.20 -18.04 3.24
N LEU H 139 41.66 -17.88 2.00
CA LEU H 139 43.00 -17.32 1.74
C LEU H 139 43.14 -15.90 2.23
N SER H 140 42.13 -15.08 2.01
CA SER H 140 42.09 -13.73 2.56
C SER H 140 42.30 -13.71 4.12
N ASN H 141 41.57 -14.55 4.86
CA ASN H 141 41.70 -14.58 6.31
C ASN H 141 43.10 -15.03 6.73
N THR H 142 43.63 -16.03 6.04
CA THR H 142 45.02 -16.50 6.27
C THR H 142 45.98 -15.33 6.12
N VAL H 143 45.97 -14.67 4.96
CA VAL H 143 46.86 -13.51 4.74
C VAL H 143 46.69 -12.43 5.83
N ALA H 144 45.45 -12.23 6.26
CA ALA H 144 45.20 -11.17 7.27
C ALA H 144 45.83 -11.58 8.58
N VAL H 145 45.70 -12.86 8.93
CA VAL H 145 46.24 -13.35 10.18
C VAL H 145 47.75 -13.19 10.17
N VAL H 146 48.34 -13.50 9.02
CA VAL H 146 49.78 -13.44 8.88
C VAL H 146 50.32 -12.00 8.97
N VAL H 147 49.72 -11.08 8.22
CA VAL H 147 50.17 -9.70 8.27
C VAL H 147 50.04 -9.07 9.67
N PHE H 148 48.89 -9.26 10.30
CA PHE H 148 48.67 -8.69 11.65
C PHE H 148 49.55 -9.26 12.76
N GLU H 149 49.98 -10.52 12.61
CA GLU H 149 50.97 -11.11 13.51
C GLU H 149 52.36 -10.55 13.29
N ALA H 150 52.80 -10.49 12.04
CA ALA H 150 54.12 -9.86 11.73
C ALA H 150 54.07 -8.44 12.21
N TRP H 151 52.96 -7.75 11.91
CA TRP H 151 52.79 -6.35 12.38
C TRP H 151 52.77 -6.24 13.91
N ARG H 152 52.05 -7.12 14.59
CA ARG H 152 52.10 -7.12 16.04
C ARG H 152 53.53 -7.17 16.55
N GLN H 153 54.36 -8.03 15.98
CA GLN H 153 55.74 -8.19 16.45
C GLN H 153 56.58 -6.95 16.24
N ALA H 154 56.14 -6.07 15.34
CA ALA H 154 56.70 -4.75 15.10
C ALA H 154 56.00 -3.66 15.92
N GLY H 155 55.21 -4.05 16.90
CA GLY H 155 54.48 -3.08 17.70
C GLY H 155 53.48 -2.29 16.89
N PHE H 156 52.98 -2.87 15.81
CA PHE H 156 52.07 -2.18 14.91
C PHE H 156 52.57 -0.76 14.53
N GLU H 157 53.87 -0.60 14.27
CA GLU H 157 54.37 0.73 13.88
C GLU H 157 53.67 1.26 12.63
N GLY H 158 53.25 2.53 12.67
CA GLY H 158 52.58 3.17 11.55
C GLY H 158 51.10 2.85 11.47
N GLY H 159 50.57 2.30 12.55
CA GLY H 159 49.18 1.96 12.59
C GLY H 159 48.57 2.53 13.85
N ALA H 160 47.29 2.83 13.76
CA ALA H 160 46.54 3.31 14.90
C ALA H 160 45.07 3.15 14.59
N SAH I . 4.75 12.21 8.07
CA SAH I . 4.60 11.98 6.61
CB SAH I . 4.86 10.49 6.37
CG SAH I . 5.49 10.24 5.02
SD SAH I . 5.51 8.54 4.61
C SAH I . 3.19 12.34 6.20
O SAH I . 2.82 12.26 5.02
OXT SAH I . 2.35 12.70 7.04
C5' SAH I . 6.90 8.43 3.54
C4' SAH I . 6.44 8.58 2.08
O4' SAH I . 5.53 7.53 1.72
C3' SAH I . 5.72 9.86 1.66
O3' SAH I . 6.59 10.98 1.45
C2' SAH I . 5.04 9.45 0.37
O2' SAH I . 5.89 9.44 -0.80
C1' SAH I . 4.69 8.01 0.66
N9 SAH I . 3.30 7.83 1.07
C8 SAH I . 2.90 7.32 2.23
N7 SAH I . 1.56 7.20 2.26
C5 SAH I . 1.09 7.62 1.07
C6 SAH I . -0.23 7.79 0.47
N6 SAH I . -1.36 7.45 1.15
N1 SAH I . -0.28 8.33 -0.77
C2 SAH I . 0.83 8.68 -1.49
N3 SAH I . 2.06 8.55 -0.98
C4 SAH I . 2.24 8.04 0.28
CL CL J . 1.32 0.75 5.46
CL CL K . 8.23 -13.29 8.62
N SAH L . -40.36 -1.59 -22.71
CA SAH L . -39.22 -2.21 -23.45
CB SAH L . -39.44 -3.71 -23.49
CG SAH L . -39.22 -4.37 -22.13
SD SAH L . -37.90 -5.50 -22.25
C SAH L . -39.14 -1.72 -24.88
O SAH L . -38.08 -1.28 -25.38
OXT SAH L . -40.16 -1.78 -25.58
C5' SAH L . -38.55 -6.97 -21.46
C4' SAH L . -38.27 -7.03 -19.93
O4' SAH L . -36.86 -7.21 -19.71
C3' SAH L . -38.65 -5.81 -19.09
O3' SAH L . -40.02 -5.74 -18.61
C2' SAH L . -37.72 -5.98 -17.89
O2' SAH L . -38.22 -6.95 -16.92
C1' SAH L . -36.49 -6.60 -18.49
N9 SAH L . -35.46 -5.59 -18.81
C8 SAH L . -35.01 -5.24 -20.03
N7 SAH L . -34.02 -4.31 -19.96
C5 SAH L . -33.85 -4.08 -18.64
C6 SAH L . -32.96 -3.24 -17.83
N6 SAH L . -32.06 -2.44 -18.47
N1 SAH L . -33.08 -3.31 -16.49
C2 SAH L . -33.99 -4.10 -15.88
N3 SAH L . -34.85 -4.90 -16.56
C4 SAH L . -34.81 -4.92 -17.90
CL CL M . -29.65 -7.50 -24.87
N SAH N . -7.35 14.50 16.45
CA SAH N . -7.03 15.92 16.04
CB SAH N . -7.43 16.90 17.11
CG SAH N . -8.93 17.07 17.17
SD SAH N . -9.45 18.65 16.57
C SAH N . -5.58 16.15 15.83
O SAH N . -4.85 16.22 16.80
OXT SAH N . -5.09 16.34 14.70
C5' SAH N . -10.68 18.98 17.80
C4' SAH N . -12.03 18.34 17.49
O4' SAH N . -12.63 19.02 16.39
C3' SAH N . -12.04 16.87 17.08
O3' SAH N . -12.02 16.03 18.22
C2' SAH N . -13.33 16.72 16.32
O2' SAH N . -14.54 16.57 17.12
C1' SAH N . -13.39 18.08 15.64
N9 SAH N . -12.90 18.05 14.25
C8 SAH N . -11.86 18.70 13.74
N7 SAH N . -11.78 18.47 12.41
C5 SAH N . -12.78 17.64 12.07
C6 SAH N . -13.31 16.99 10.86
N6 SAH N . -12.69 17.13 9.66
N1 SAH N . -14.39 16.19 10.99
C2 SAH N . -15.01 15.99 12.16
N3 SAH N . -14.60 16.57 13.30
C4 SAH N . -13.52 17.36 13.30
CL CL O . -10.06 25.20 10.59
CL CL P . -9.85 40.82 13.48
N SAH Q . 31.66 1.10 9.91
CA SAH Q . 32.64 0.62 8.89
CB SAH Q . 32.24 -0.75 8.35
CG SAH Q . 32.34 -1.78 9.47
SD SAH Q . 33.32 -3.13 8.93
C SAH Q . 32.71 1.53 7.70
O SAH Q . 31.65 2.00 7.30
OXT SAH Q . 33.77 1.78 7.11
C5' SAH Q . 32.44 -4.53 9.54
C4' SAH Q . 32.80 -4.89 11.00
O4' SAH Q . 34.15 -5.33 11.02
C3' SAH Q . 32.78 -3.78 12.05
O3' SAH Q . 31.48 -3.65 12.63
C2' SAH Q . 33.78 -4.27 13.10
O2' SAH Q . 33.25 -5.26 14.02
C1' SAH Q . 34.80 -4.95 12.25
N9 SAH Q . 35.97 -4.10 11.99
C8 SAH Q . 36.41 -3.67 10.79
N7 SAH Q . 37.54 -2.94 10.90
C5 SAH Q . 37.84 -2.92 12.23
C6 SAH Q . 38.90 -2.37 13.05
N6 SAH Q . 39.92 -1.66 12.51
N1 SAH Q . 38.83 -2.59 14.39
C2 SAH Q . 37.85 -3.27 14.98
N3 SAH Q . 36.86 -3.84 14.26
C4 SAH Q . 36.82 -3.70 12.92
CL CL R . 40.99 -6.06 5.40
#